data_7X0B
#
_entry.id   7X0B
#
_cell.length_a   64.932
_cell.length_b   94.196
_cell.length_c   107.577
_cell.angle_alpha   90.000
_cell.angle_beta   90.000
_cell.angle_gamma   90.000
#
_symmetry.space_group_name_H-M   'P 21 21 21'
#
loop_
_entity.id
_entity.type
_entity.pdbx_description
1 polymer '4Fe-4S cluster-binding domain-containing protein'
2 non-polymer 'IRON/SULFUR CLUSTER'
3 non-polymer S-ADENOSYLMETHIONINE
4 non-polymer 'CHLORIDE ION'
5 non-polymer GLYCEROL
6 non-polymer 'SULFATE ION'
7 non-polymer 'SODIUM ION'
8 water water
#
_entity_poly.entity_id   1
_entity_poly.type   'polypeptide(L)'
_entity_poly.pdbx_seq_one_letter_code
;MGSSHHHHHHSSGLVPRGSHMSVRLADGKVRNPEGIEVNASLQCNMRCQSCAHLSPLYRRENADPAEIHDTLSVLARSYH
ASYAKIMGGEPLLHPDVVGLIEAVRATGISDTVLVATNGTLLHRATERFWQAVDSLEISVYPSRMIAPEEIERYRVLARE
HGVSLLVNYYGHFRAVYSESGTDAPDLVRDVFDTCKLAHFWNSHTVYDGWLYRCPQSVFMPRQLRDGGWDPRVDGLRIED
DPAFLERLHRFLTADDPLRACRNCLGSVGKLHPHQELPRAGWQVTEQLAALVDYPFLKVCKDDITADDGCVERSLSAPVG
GA
;
_entity_poly.pdbx_strand_id   A,B
#
loop_
_chem_comp.id
_chem_comp.type
_chem_comp.name
_chem_comp.formula
CL non-polymer 'CHLORIDE ION' 'Cl -1'
GOL non-polymer GLYCEROL 'C3 H8 O3'
NA non-polymer 'SODIUM ION' 'Na 1'
SAM non-polymer S-ADENOSYLMETHIONINE 'C15 H22 N6 O5 S'
SF4 non-polymer 'IRON/SULFUR CLUSTER' 'Fe4 S4'
SO4 non-polymer 'SULFATE ION' 'O4 S -2'
#
# COMPACT_ATOMS: atom_id res chain seq x y z
N SER A 22 13.28 6.56 5.05
CA SER A 22 12.56 6.43 3.78
C SER A 22 13.12 7.39 2.74
N VAL A 23 13.49 8.59 3.18
CA VAL A 23 14.00 9.61 2.27
C VAL A 23 15.45 9.31 1.96
N ARG A 24 15.85 9.50 0.70
CA ARG A 24 17.21 9.17 0.28
C ARG A 24 17.81 10.35 -0.48
N LEU A 25 19.13 10.37 -0.59
CA LEU A 25 19.80 11.39 -1.39
C LEU A 25 20.43 10.71 -2.60
N ALA A 26 20.03 11.13 -3.79
CA ALA A 26 20.50 10.50 -5.01
C ALA A 26 20.54 11.52 -6.13
N ASP A 27 21.60 11.43 -6.95
CA ASP A 27 21.78 12.25 -8.15
C ASP A 27 21.50 13.72 -7.85
N GLY A 28 22.05 14.20 -6.74
CA GLY A 28 21.98 15.62 -6.43
C GLY A 28 20.68 16.09 -5.85
N LYS A 29 19.77 15.19 -5.47
CA LYS A 29 18.47 15.62 -4.96
C LYS A 29 18.04 14.73 -3.80
N VAL A 30 17.33 15.36 -2.87
CA VAL A 30 16.61 14.64 -1.83
C VAL A 30 15.35 14.02 -2.45
N ARG A 31 15.24 12.70 -2.39
CA ARG A 31 14.17 11.95 -3.01
C ARG A 31 13.23 11.49 -1.90
N ASN A 32 11.99 11.99 -1.94
CA ASN A 32 10.92 11.58 -1.05
C ASN A 32 10.05 10.56 -1.77
N PRO A 33 9.97 9.32 -1.30
CA PRO A 33 9.11 8.34 -1.97
C PRO A 33 7.62 8.64 -1.86
N GLU A 34 7.21 9.54 -0.97
CA GLU A 34 5.81 9.92 -0.82
C GLU A 34 5.60 11.26 -1.49
N GLY A 35 4.97 12.26 -0.86
CA GLY A 35 4.56 13.46 -1.54
C GLY A 35 4.99 14.74 -0.84
N ILE A 36 5.05 15.80 -1.64
CA ILE A 36 5.22 17.17 -1.16
C ILE A 36 3.85 17.83 -1.13
N GLU A 37 3.49 18.42 0.00
CA GLU A 37 2.14 18.91 0.25
C GLU A 37 2.05 20.41 0.05
N VAL A 38 1.07 20.80 -0.77
CA VAL A 38 0.77 22.18 -1.12
C VAL A 38 -0.68 22.43 -0.77
N ASN A 39 -0.91 23.35 0.17
CA ASN A 39 -2.27 23.61 0.65
C ASN A 39 -2.87 24.75 -0.17
N ALA A 40 -3.75 24.38 -1.11
CA ALA A 40 -4.41 25.37 -1.95
C ALA A 40 -5.20 26.38 -1.11
N SER A 41 -5.88 25.90 -0.08
CA SER A 41 -6.73 26.75 0.76
C SER A 41 -6.57 26.31 2.20
N LEU A 42 -6.34 27.27 3.10
CA LEU A 42 -6.27 26.94 4.51
C LEU A 42 -7.65 26.79 5.13
N GLN A 43 -8.67 27.39 4.52
CA GLN A 43 -10.03 27.31 5.02
C GLN A 43 -10.72 26.07 4.47
N CYS A 44 -11.88 25.76 5.05
CA CYS A 44 -12.67 24.64 4.57
C CYS A 44 -14.15 24.96 4.76
N ASN A 45 -15.00 24.14 4.13
CA ASN A 45 -16.43 24.22 4.32
C ASN A 45 -16.95 23.24 5.37
N MET A 46 -16.05 22.52 6.02
CA MET A 46 -16.37 21.58 7.09
C MET A 46 -15.74 22.04 8.40
N ARG A 47 -16.24 21.51 9.50
CA ARG A 47 -15.77 21.86 10.84
C ARG A 47 -15.45 20.59 11.63
N CYS A 48 -14.71 19.67 10.99
CA CYS A 48 -14.42 18.38 11.61
C CYS A 48 -13.67 18.56 12.93
N GLN A 49 -14.13 17.82 13.95
CA GLN A 49 -13.36 17.72 15.19
C GLN A 49 -11.98 17.14 14.90
N SER A 50 -10.95 17.78 15.48
CA SER A 50 -9.56 17.32 15.40
C SER A 50 -8.99 17.41 14.00
N CYS A 51 -9.50 18.31 13.16
CA CYS A 51 -8.87 18.54 11.85
C CYS A 51 -7.37 18.74 12.00
N ALA A 52 -6.58 17.92 11.30
CA ALA A 52 -5.13 17.95 11.47
C ALA A 52 -4.53 19.26 10.98
N HIS A 53 -5.17 19.94 10.03
CA HIS A 53 -4.71 21.23 9.58
C HIS A 53 -5.39 22.39 10.32
N LEU A 54 -6.25 22.09 11.30
CA LEU A 54 -6.98 23.11 12.06
C LEU A 54 -7.73 24.06 11.12
N SER A 55 -8.14 23.54 9.97
CA SER A 55 -8.82 24.35 8.96
C SER A 55 -10.08 25.06 9.46
N PRO A 56 -10.91 24.48 10.34
CA PRO A 56 -12.07 25.24 10.84
C PRO A 56 -11.69 26.56 11.50
N LEU A 57 -10.43 26.72 11.91
CA LEU A 57 -9.98 27.94 12.57
C LEU A 57 -9.44 28.98 11.58
N TYR A 58 -9.41 28.67 10.29
CA TYR A 58 -8.75 29.52 9.32
C TYR A 58 -9.78 30.26 8.47
N ARG A 59 -9.59 31.57 8.31
CA ARG A 59 -10.31 32.35 7.32
C ARG A 59 -9.76 32.07 5.93
N ARG A 60 -10.49 32.52 4.92
CA ARG A 60 -10.09 32.35 3.53
C ARG A 60 -8.63 32.70 3.30
N GLU A 61 -7.87 31.74 2.78
CA GLU A 61 -6.50 32.04 2.34
C GLU A 61 -6.15 31.04 1.25
N ASN A 62 -6.11 31.52 0.01
CA ASN A 62 -5.86 30.69 -1.16
C ASN A 62 -4.47 30.98 -1.70
N ALA A 63 -3.69 29.93 -1.93
CA ALA A 63 -2.31 30.10 -2.38
C ALA A 63 -2.26 30.71 -3.77
N ASP A 64 -1.19 31.47 -4.03
CA ASP A 64 -1.01 32.11 -5.32
C ASP A 64 -0.22 31.19 -6.25
N PRO A 65 -0.77 30.80 -7.40
CA PRO A 65 -0.03 29.88 -8.29
C PRO A 65 1.34 30.37 -8.71
N ALA A 66 1.49 31.68 -8.98
CA ALA A 66 2.80 32.20 -9.36
C ALA A 66 3.81 32.05 -8.23
N GLU A 67 3.43 32.45 -7.02
CA GLU A 67 4.32 32.33 -5.87
C GLU A 67 4.69 30.87 -5.62
N ILE A 68 3.69 29.99 -5.65
CA ILE A 68 3.93 28.57 -5.45
C ILE A 68 4.88 28.04 -6.51
N HIS A 69 4.68 28.45 -7.77
CA HIS A 69 5.56 28.00 -8.83
C HIS A 69 6.99 28.41 -8.58
N ASP A 70 7.20 29.68 -8.21
CA ASP A 70 8.56 30.16 -7.94
C ASP A 70 9.21 29.39 -6.79
N THR A 71 8.50 29.29 -5.66
CA THR A 71 9.04 28.62 -4.49
C THR A 71 9.38 27.15 -4.78
N LEU A 72 8.43 26.44 -5.40
CA LEU A 72 8.67 25.04 -5.71
C LEU A 72 9.74 24.88 -6.79
N SER A 73 9.90 25.88 -7.67
CA SER A 73 11.00 25.84 -8.63
C SER A 73 12.34 25.87 -7.92
N VAL A 74 12.46 26.73 -6.90
CA VAL A 74 13.70 26.74 -6.12
C VAL A 74 13.91 25.40 -5.43
N LEU A 75 12.86 24.90 -4.76
CA LEU A 75 13.01 23.64 -4.01
C LEU A 75 13.33 22.47 -4.92
N ALA A 76 12.81 22.47 -6.15
CA ALA A 76 12.94 21.33 -7.04
C ALA A 76 14.38 21.09 -7.52
N ARG A 77 15.27 22.08 -7.45
CA ARG A 77 16.65 21.79 -7.84
C ARG A 77 17.34 20.83 -6.87
N SER A 78 16.84 20.70 -5.64
CA SER A 78 17.46 19.84 -4.64
C SER A 78 16.50 18.78 -4.10
N TYR A 79 15.29 18.68 -4.66
CA TYR A 79 14.25 17.86 -4.08
C TYR A 79 13.35 17.32 -5.18
N HIS A 80 12.98 16.05 -5.05
CA HIS A 80 11.99 15.43 -5.92
C HIS A 80 11.15 14.46 -5.10
N ALA A 81 9.85 14.49 -5.34
CA ALA A 81 8.90 13.62 -4.66
C ALA A 81 8.14 12.80 -5.69
N SER A 82 7.58 11.69 -5.22
CA SER A 82 6.79 10.85 -6.12
C SER A 82 5.53 11.58 -6.58
N TYR A 83 4.89 12.33 -5.71
CA TYR A 83 3.71 13.08 -6.10
C TYR A 83 3.65 14.41 -5.35
N ALA A 84 2.93 15.36 -5.92
CA ALA A 84 2.58 16.59 -5.24
C ALA A 84 1.11 16.50 -4.83
N LYS A 85 0.85 16.72 -3.55
CA LYS A 85 -0.49 16.59 -3.00
C LYS A 85 -1.07 17.99 -2.78
N ILE A 86 -2.00 18.38 -3.64
CA ILE A 86 -2.70 19.66 -3.50
C ILE A 86 -3.91 19.43 -2.62
N MET A 87 -3.96 20.13 -1.50
CA MET A 87 -4.92 19.84 -0.44
C MET A 87 -5.18 21.09 0.39
N GLY A 88 -5.42 20.93 1.68
CA GLY A 88 -5.40 22.05 2.59
C GLY A 88 -6.50 21.90 3.62
N GLY A 89 -7.39 22.89 3.64
CA GLY A 89 -8.74 22.62 4.05
C GLY A 89 -9.36 21.98 2.83
N GLU A 90 -10.23 22.71 2.13
CA GLU A 90 -10.85 22.20 0.92
C GLU A 90 -10.24 22.89 -0.30
N PRO A 91 -9.38 22.23 -1.07
CA PRO A 91 -8.78 22.88 -2.24
C PRO A 91 -9.78 23.25 -3.31
N LEU A 92 -10.95 22.59 -3.38
CA LEU A 92 -11.95 23.01 -4.35
C LEU A 92 -12.55 24.37 -4.03
N LEU A 93 -12.27 24.93 -2.86
CA LEU A 93 -12.65 26.32 -2.57
C LEU A 93 -11.73 27.31 -3.29
N HIS A 94 -10.58 26.86 -3.76
CA HIS A 94 -9.65 27.75 -4.44
C HIS A 94 -10.31 28.29 -5.70
N PRO A 95 -10.15 29.59 -6.00
CA PRO A 95 -10.81 30.17 -7.18
C PRO A 95 -10.22 29.69 -8.50
N ASP A 96 -9.02 29.08 -8.50
CA ASP A 96 -8.41 28.60 -9.73
C ASP A 96 -7.49 27.43 -9.37
N VAL A 97 -8.09 26.30 -8.98
CA VAL A 97 -7.31 25.15 -8.56
C VAL A 97 -6.54 24.54 -9.73
N VAL A 98 -7.08 24.61 -10.94
CA VAL A 98 -6.37 24.07 -12.11
C VAL A 98 -5.12 24.88 -12.40
N GLY A 99 -5.18 26.20 -12.22
CA GLY A 99 -3.99 27.02 -12.35
C GLY A 99 -2.94 26.64 -11.34
N LEU A 100 -3.35 26.37 -10.11
CA LEU A 100 -2.42 25.90 -9.10
C LEU A 100 -1.82 24.55 -9.48
N ILE A 101 -2.66 23.63 -9.95
CA ILE A 101 -2.19 22.31 -10.39
C ILE A 101 -1.10 22.46 -11.43
N GLU A 102 -1.35 23.32 -12.43
CA GLU A 102 -0.37 23.46 -13.51
C GLU A 102 0.88 24.19 -13.03
N ALA A 103 0.73 25.14 -12.10
CA ALA A 103 1.90 25.79 -11.52
C ALA A 103 2.81 24.77 -10.83
N VAL A 104 2.21 23.85 -10.07
CA VAL A 104 3.00 22.81 -9.40
C VAL A 104 3.62 21.87 -10.43
N ARG A 105 2.82 21.42 -11.40
CA ARG A 105 3.32 20.48 -12.40
C ARG A 105 4.50 21.06 -13.18
N ALA A 106 4.47 22.36 -13.47
CA ALA A 106 5.51 22.95 -14.31
C ALA A 106 6.88 22.91 -13.65
N THR A 107 6.94 22.89 -12.32
CA THR A 107 8.22 22.83 -11.63
C THR A 107 8.90 21.47 -11.77
N GLY A 108 8.15 20.41 -12.08
CA GLY A 108 8.72 19.09 -12.14
C GLY A 108 9.16 18.53 -10.80
N ILE A 109 8.73 19.14 -9.69
CA ILE A 109 9.13 18.67 -8.38
C ILE A 109 8.57 17.28 -8.07
N SER A 110 7.56 16.82 -8.81
CA SER A 110 6.93 15.53 -8.54
C SER A 110 6.73 14.78 -9.85
N ASP A 111 6.49 13.47 -9.73
CA ASP A 111 6.13 12.69 -10.90
C ASP A 111 4.68 12.92 -11.31
N THR A 112 3.78 12.99 -10.33
CA THR A 112 2.35 13.17 -10.58
C THR A 112 1.81 14.22 -9.63
N VAL A 113 0.59 14.65 -9.90
CA VAL A 113 -0.09 15.66 -9.10
C VAL A 113 -1.40 15.07 -8.58
N LEU A 114 -1.57 15.10 -7.26
CA LEU A 114 -2.72 14.54 -6.58
C LEU A 114 -3.50 15.66 -5.89
N VAL A 115 -4.82 15.61 -6.00
CA VAL A 115 -5.72 16.51 -5.26
C VAL A 115 -6.50 15.69 -4.25
N ALA A 116 -6.57 16.17 -3.02
CA ALA A 116 -7.31 15.52 -1.94
C ALA A 116 -8.45 16.43 -1.50
N THR A 117 -9.67 15.91 -1.54
CA THR A 117 -10.87 16.70 -1.31
C THR A 117 -11.86 15.91 -0.46
N ASN A 118 -12.69 16.65 0.29
CA ASN A 118 -13.81 16.05 0.99
C ASN A 118 -14.97 15.71 0.07
N GLY A 119 -14.90 16.10 -1.20
CA GLY A 119 -15.86 15.70 -2.20
C GLY A 119 -17.16 16.47 -2.24
N THR A 120 -17.43 17.34 -1.25
CA THR A 120 -18.70 18.04 -1.22
C THR A 120 -18.88 19.01 -2.38
N LEU A 121 -17.79 19.45 -3.01
CA LEU A 121 -17.86 20.41 -4.11
C LEU A 121 -17.49 19.78 -5.44
N LEU A 122 -17.22 18.48 -5.46
CA LEU A 122 -16.70 17.82 -6.65
C LEU A 122 -17.71 17.82 -7.79
N HIS A 123 -19.01 17.92 -7.49
CA HIS A 123 -20.02 17.98 -8.54
C HIS A 123 -19.89 19.25 -9.37
N ARG A 124 -19.18 20.26 -8.87
CA ARG A 124 -18.96 21.49 -9.61
C ARG A 124 -17.67 21.48 -10.42
N ALA A 125 -16.82 20.47 -10.24
CA ALA A 125 -15.58 20.42 -11.00
C ALA A 125 -15.88 20.24 -12.48
N THR A 126 -15.12 20.94 -13.31
CA THR A 126 -15.31 20.92 -14.75
C THR A 126 -14.42 19.86 -15.40
N GLU A 127 -14.53 19.77 -16.73
CA GLU A 127 -13.61 18.92 -17.48
C GLU A 127 -12.16 19.33 -17.29
N ARG A 128 -11.91 20.63 -17.11
CA ARG A 128 -10.55 21.11 -16.88
C ARG A 128 -9.92 20.44 -15.66
N PHE A 129 -10.68 20.33 -14.56
CA PHE A 129 -10.16 19.70 -13.36
C PHE A 129 -9.80 18.25 -13.62
N TRP A 130 -10.71 17.49 -14.22
CA TRP A 130 -10.45 16.08 -14.44
C TRP A 130 -9.28 15.86 -15.40
N GLN A 131 -9.11 16.76 -16.38
CA GLN A 131 -7.96 16.64 -17.27
C GLN A 131 -6.67 17.06 -16.59
N ALA A 132 -6.74 17.90 -15.57
CA ALA A 132 -5.52 18.44 -14.96
C ALA A 132 -4.88 17.49 -13.96
N VAL A 133 -5.67 16.69 -13.24
CA VAL A 133 -5.13 15.89 -12.14
C VAL A 133 -4.69 14.52 -12.65
N ASP A 134 -3.66 13.98 -12.01
CA ASP A 134 -3.23 12.60 -12.21
C ASP A 134 -3.91 11.65 -11.25
N SER A 135 -4.16 12.10 -10.01
CA SER A 135 -4.78 11.28 -8.98
C SER A 135 -5.77 12.13 -8.20
N LEU A 136 -6.78 11.47 -7.65
CA LEU A 136 -7.80 12.15 -6.86
C LEU A 136 -8.09 11.31 -5.62
N GLU A 137 -8.10 11.96 -4.45
CA GLU A 137 -8.39 11.30 -3.19
C GLU A 137 -9.60 11.98 -2.57
N ILE A 138 -10.66 11.21 -2.32
CA ILE A 138 -11.91 11.73 -1.79
C ILE A 138 -12.10 11.18 -0.38
N SER A 139 -12.29 12.09 0.57
CA SER A 139 -12.67 11.71 1.93
C SER A 139 -14.18 11.82 2.06
N VAL A 140 -14.82 10.74 2.49
CA VAL A 140 -16.27 10.70 2.66
C VAL A 140 -16.57 10.63 4.14
N TYR A 141 -17.22 11.67 4.66
CA TYR A 141 -17.48 11.77 6.08
C TYR A 141 -18.96 11.56 6.38
N PRO A 142 -19.28 10.99 7.55
CA PRO A 142 -20.69 10.66 7.85
C PRO A 142 -21.62 11.85 7.75
N SER A 143 -21.21 13.02 8.25
CA SER A 143 -22.07 14.19 8.23
C SER A 143 -22.18 14.82 6.85
N ARG A 144 -21.30 14.45 5.91
CA ARG A 144 -21.38 14.91 4.53
C ARG A 144 -21.21 13.70 3.61
N MET A 145 -22.09 12.73 3.81
CA MET A 145 -21.98 11.48 3.07
C MET A 145 -22.20 11.75 1.58
N ILE A 146 -21.42 11.09 0.75
CA ILE A 146 -21.57 11.17 -0.70
C ILE A 146 -22.29 9.91 -1.15
N ALA A 147 -23.39 10.09 -1.88
CA ALA A 147 -24.21 8.96 -2.27
C ALA A 147 -23.39 8.00 -3.13
N PRO A 148 -23.58 6.69 -2.99
CA PRO A 148 -22.75 5.74 -3.75
C PRO A 148 -22.89 5.90 -5.25
N GLU A 149 -24.03 6.37 -5.74
CA GLU A 149 -24.17 6.57 -7.18
C GLU A 149 -23.31 7.73 -7.67
N GLU A 150 -23.10 8.75 -6.83
CA GLU A 150 -22.21 9.83 -7.22
C GLU A 150 -20.75 9.39 -7.13
N ILE A 151 -20.41 8.53 -6.17
CA ILE A 151 -19.08 7.93 -6.13
C ILE A 151 -18.84 7.12 -7.41
N GLU A 152 -19.88 6.43 -7.89
CA GLU A 152 -19.73 5.66 -9.13
C GLU A 152 -19.54 6.59 -10.32
N ARG A 153 -20.32 7.67 -10.38
CA ARG A 153 -20.10 8.71 -11.38
C ARG A 153 -18.65 9.20 -11.38
N TYR A 154 -18.10 9.45 -10.19
CA TYR A 154 -16.73 9.91 -10.07
C TYR A 154 -15.73 8.86 -10.53
N ARG A 155 -15.99 7.59 -10.22
CA ARG A 155 -15.10 6.53 -10.68
C ARG A 155 -15.09 6.42 -12.21
N VAL A 156 -16.26 6.60 -12.82
CA VAL A 156 -16.32 6.58 -14.29
C VAL A 156 -15.55 7.76 -14.87
N LEU A 157 -15.74 8.95 -14.30
CA LEU A 157 -14.99 10.12 -14.74
C LEU A 157 -13.48 9.89 -14.61
N ALA A 158 -13.06 9.28 -13.49
CA ALA A 158 -11.65 9.00 -13.27
C ALA A 158 -11.09 8.05 -14.33
N ARG A 159 -11.80 6.96 -14.60
CA ARG A 159 -11.31 6.03 -15.63
C ARG A 159 -11.21 6.73 -16.98
N GLU A 160 -12.20 7.54 -17.32
CA GLU A 160 -12.22 8.19 -18.62
C GLU A 160 -11.02 9.12 -18.81
N HIS A 161 -10.57 9.76 -17.73
CA HIS A 161 -9.48 10.72 -17.81
C HIS A 161 -8.15 10.15 -17.34
N GLY A 162 -8.06 8.84 -17.15
CA GLY A 162 -6.83 8.22 -16.69
C GLY A 162 -6.37 8.73 -15.33
N VAL A 163 -7.31 8.94 -14.41
CA VAL A 163 -7.01 9.46 -13.08
C VAL A 163 -7.13 8.31 -12.08
N SER A 164 -6.07 8.08 -11.32
CA SER A 164 -6.16 7.13 -10.21
C SER A 164 -7.07 7.70 -9.13
N LEU A 165 -7.99 6.88 -8.63
CA LEU A 165 -8.99 7.35 -7.68
C LEU A 165 -8.85 6.59 -6.37
N LEU A 166 -8.93 7.33 -5.27
CA LEU A 166 -8.98 6.75 -3.93
C LEU A 166 -10.09 7.43 -3.14
N VAL A 167 -11.00 6.62 -2.59
CA VAL A 167 -12.13 7.11 -1.80
C VAL A 167 -12.03 6.47 -0.42
N ASN A 168 -11.84 7.31 0.60
CA ASN A 168 -11.71 6.86 1.98
C ASN A 168 -12.99 7.20 2.74
N TYR A 169 -13.66 6.17 3.28
CA TYR A 169 -14.81 6.37 4.16
C TYR A 169 -14.31 6.36 5.60
N TYR A 170 -14.40 7.52 6.26
CA TYR A 170 -13.87 7.69 7.61
C TYR A 170 -14.94 7.39 8.66
N GLY A 171 -14.58 6.58 9.64
CA GLY A 171 -15.42 6.34 10.79
C GLY A 171 -14.99 7.14 12.00
N HIS A 172 -13.68 7.34 12.16
CA HIS A 172 -13.14 8.00 13.34
C HIS A 172 -12.05 8.98 12.94
N PHE A 173 -11.74 9.89 13.85
CA PHE A 173 -10.55 10.73 13.81
C PHE A 173 -9.80 10.54 15.12
N ARG A 174 -8.51 10.90 15.11
CA ARG A 174 -7.73 10.93 16.35
C ARG A 174 -7.38 12.37 16.72
N ALA A 175 -7.34 12.63 18.02
CA ALA A 175 -6.97 13.94 18.52
C ALA A 175 -5.57 14.33 18.02
N VAL A 176 -5.39 15.63 17.75
CA VAL A 176 -4.19 16.07 17.07
C VAL A 176 -3.36 17.05 17.91
N TYR A 177 -4.00 17.85 18.74
CA TYR A 177 -3.28 18.91 19.44
C TYR A 177 -4.02 19.32 20.69
N SER A 178 -3.36 20.16 21.49
CA SER A 178 -3.98 20.84 22.62
C SER A 178 -3.23 22.13 22.91
N GLU A 179 -3.97 23.13 23.40
CA GLU A 179 -3.34 24.36 23.87
C GLU A 179 -2.51 24.12 25.12
N SER A 180 -2.89 23.15 25.96
CA SER A 180 -2.13 22.80 27.16
C SER A 180 -1.16 21.69 26.78
N GLY A 181 0.05 22.08 26.42
CA GLY A 181 1.06 21.12 26.03
C GLY A 181 1.69 20.44 27.23
N THR A 182 2.56 19.48 26.93
CA THR A 182 3.25 18.70 27.93
C THR A 182 4.68 19.21 28.11
N ASP A 183 5.15 19.20 29.36
CA ASP A 183 6.55 19.49 29.69
C ASP A 183 7.36 18.22 29.88
N ALA A 184 6.76 17.04 29.67
CA ALA A 184 7.45 15.79 29.91
C ALA A 184 8.20 15.39 28.64
N PRO A 185 9.54 15.46 28.63
CA PRO A 185 10.29 15.17 27.40
C PRO A 185 10.17 13.73 26.93
N ASP A 186 9.99 12.76 27.83
CA ASP A 186 9.85 11.37 27.38
C ASP A 186 8.60 11.18 26.53
N LEU A 187 7.49 11.80 26.94
CA LEU A 187 6.26 11.68 26.16
C LEU A 187 6.38 12.35 24.80
N VAL A 188 7.00 13.53 24.74
CA VAL A 188 7.20 14.20 23.45
C VAL A 188 8.11 13.38 22.56
N ARG A 189 9.16 12.80 23.15
CA ARG A 189 10.04 11.91 22.40
C ARG A 189 9.24 10.76 21.80
N ASP A 190 8.39 10.12 22.61
CA ASP A 190 7.61 8.99 22.11
C ASP A 190 6.64 9.41 21.01
N VAL A 191 6.02 10.58 21.17
CA VAL A 191 5.06 11.04 20.16
C VAL A 191 5.79 11.35 18.85
N PHE A 192 6.95 12.03 18.93
CA PHE A 192 7.71 12.31 17.72
C PHE A 192 8.20 11.03 17.05
N ASP A 193 8.70 10.06 17.84
CA ASP A 193 9.26 8.87 17.23
C ASP A 193 8.21 8.07 16.49
N THR A 194 6.96 8.09 16.95
CA THR A 194 5.89 7.31 16.33
C THR A 194 5.05 8.11 15.36
N CYS A 195 5.42 9.36 15.07
CA CYS A 195 4.56 10.19 14.23
C CYS A 195 4.67 9.77 12.77
N LYS A 196 3.53 9.39 12.19
CA LYS A 196 3.50 8.98 10.79
C LYS A 196 3.79 10.14 9.85
N LEU A 197 3.39 11.36 10.24
CA LEU A 197 3.64 12.52 9.38
C LEU A 197 5.13 12.80 9.26
N ALA A 198 5.87 12.68 10.36
CA ALA A 198 7.30 12.96 10.30
C ALA A 198 8.10 11.84 9.65
N HIS A 199 7.66 10.58 9.78
CA HIS A 199 8.53 9.43 9.53
C HIS A 199 8.03 8.41 8.52
N PHE A 200 6.73 8.40 8.20
CA PHE A 200 6.19 7.32 7.37
C PHE A 200 5.48 7.91 6.17
N TRP A 201 4.51 8.79 6.41
CA TRP A 201 3.85 9.51 5.33
C TRP A 201 4.73 10.59 4.72
N ASN A 202 5.74 11.05 5.46
CA ASN A 202 6.66 12.11 5.00
C ASN A 202 5.89 13.33 4.48
N SER A 203 5.05 13.88 5.37
CA SER A 203 4.14 14.97 5.00
C SER A 203 4.88 16.30 4.94
N HIS A 204 5.94 16.34 4.13
CA HIS A 204 6.65 17.59 3.89
C HIS A 204 5.69 18.63 3.35
N THR A 205 5.65 19.80 3.98
CA THR A 205 4.65 20.82 3.70
C THR A 205 5.33 22.12 3.30
N VAL A 206 4.92 22.70 2.17
CA VAL A 206 5.44 23.99 1.75
C VAL A 206 4.44 25.07 2.11
N TYR A 207 4.90 26.10 2.84
CA TYR A 207 4.04 27.22 3.18
C TYR A 207 4.84 28.51 3.26
N ASP A 208 4.41 29.50 2.47
CA ASP A 208 4.92 30.88 2.56
C ASP A 208 6.45 30.90 2.48
N GLY A 209 6.99 30.15 1.52
CA GLY A 209 8.42 30.14 1.27
C GLY A 209 9.24 29.25 2.18
N TRP A 210 8.62 28.51 3.09
CA TRP A 210 9.33 27.65 4.03
C TRP A 210 8.85 26.21 3.90
N LEU A 211 9.73 25.27 4.23
CA LEU A 211 9.43 23.85 4.22
C LEU A 211 9.32 23.33 5.65
N TYR A 212 8.38 22.42 5.88
CA TYR A 212 8.09 21.87 7.19
C TYR A 212 7.95 20.35 7.11
N ARG A 213 8.20 19.69 8.24
CA ARG A 213 8.09 18.24 8.31
C ARG A 213 6.64 17.75 8.25
N CYS A 214 5.67 18.63 8.51
CA CYS A 214 4.30 18.21 8.75
C CYS A 214 3.41 19.45 8.69
N PRO A 215 2.11 19.27 8.45
CA PRO A 215 1.21 20.43 8.52
C PRO A 215 1.02 20.97 9.93
N GLN A 216 1.06 20.10 10.95
CA GLN A 216 0.81 20.53 12.33
C GLN A 216 1.82 21.57 12.79
N SER A 217 3.10 21.41 12.43
CA SER A 217 4.13 22.31 12.94
C SER A 217 4.00 23.72 12.38
N VAL A 218 3.34 23.90 11.25
CA VAL A 218 3.21 25.22 10.65
C VAL A 218 1.83 25.80 10.90
N PHE A 219 0.80 24.96 10.97
CA PHE A 219 -0.57 25.46 10.98
C PHE A 219 -1.19 25.54 12.38
N MET A 220 -0.60 24.89 13.37
CA MET A 220 -1.18 24.87 14.70
C MET A 220 -0.59 25.93 15.65
N PRO A 221 0.71 26.27 15.60
CA PRO A 221 1.23 27.21 16.61
C PRO A 221 0.55 28.58 16.63
N ARG A 222 0.31 29.20 15.48
CA ARG A 222 -0.33 30.50 15.51
C ARG A 222 -1.83 30.42 15.75
N GLN A 223 -2.39 29.21 15.88
CA GLN A 223 -3.80 29.04 16.21
C GLN A 223 -3.99 28.74 17.69
N LEU A 224 -2.92 28.73 18.47
CA LEU A 224 -3.05 28.70 19.92
C LEU A 224 -3.49 30.07 20.41
N ARG A 225 -4.56 30.11 21.20
CA ARG A 225 -5.13 31.39 21.62
C ARG A 225 -4.18 32.22 22.46
N ASP A 226 -3.26 31.59 23.20
CA ASP A 226 -2.21 32.34 23.89
C ASP A 226 -1.29 33.08 22.93
N GLY A 227 -1.38 32.81 21.62
CA GLY A 227 -0.50 33.36 20.60
C GLY A 227 0.53 32.40 20.05
N GLY A 228 0.93 31.39 20.82
CA GLY A 228 1.86 30.41 20.29
C GLY A 228 3.24 30.99 20.05
N TRP A 229 3.80 30.64 18.89
CA TRP A 229 5.15 31.07 18.50
C TRP A 229 5.24 31.11 16.98
N ASP A 230 6.37 31.59 16.49
CA ASP A 230 6.66 31.65 15.07
C ASP A 230 7.02 30.25 14.57
N PRO A 231 6.19 29.63 13.73
CA PRO A 231 6.44 28.25 13.30
C PRO A 231 7.73 28.08 12.50
N ARG A 232 8.32 29.16 11.98
CA ARG A 232 9.53 29.05 11.18
C ARG A 232 10.69 28.48 11.98
N VAL A 233 10.62 28.47 13.31
CA VAL A 233 11.64 27.82 14.12
C VAL A 233 11.73 26.33 13.80
N ASP A 234 10.62 25.73 13.37
CA ASP A 234 10.58 24.33 12.99
C ASP A 234 10.70 24.12 11.49
N GLY A 235 10.88 25.19 10.72
CA GLY A 235 10.94 25.10 9.28
C GLY A 235 12.34 25.30 8.71
N LEU A 236 12.40 25.22 7.38
CA LEU A 236 13.60 25.49 6.62
C LEU A 236 13.24 26.46 5.51
N ARG A 237 13.92 27.60 5.45
CA ARG A 237 13.63 28.57 4.41
C ARG A 237 14.10 28.01 3.06
N ILE A 238 13.22 28.06 2.07
CA ILE A 238 13.57 27.58 0.73
C ILE A 238 14.31 28.70 0.02
N GLU A 239 15.56 28.46 -0.33
CA GLU A 239 16.37 29.52 -0.92
C GLU A 239 17.50 28.90 -1.74
N ASP A 240 18.27 29.79 -2.36
CA ASP A 240 19.38 29.41 -3.24
C ASP A 240 20.68 29.36 -2.46
N ASP A 241 20.58 28.91 -1.21
CA ASP A 241 21.75 28.84 -0.35
C ASP A 241 22.81 27.95 -1.00
N PRO A 242 24.10 28.28 -0.86
CA PRO A 242 25.14 27.49 -1.53
C PRO A 242 25.19 26.05 -1.05
N ALA A 243 24.75 25.81 0.18
CA ALA A 243 24.72 24.50 0.80
C ALA A 243 23.29 24.01 1.01
N PHE A 244 22.35 24.47 0.16
CA PHE A 244 20.95 24.17 0.41
C PHE A 244 20.65 22.67 0.36
N LEU A 245 21.33 21.91 -0.52
CA LEU A 245 21.09 20.47 -0.56
C LEU A 245 21.35 19.82 0.79
N GLU A 246 22.54 20.06 1.33
CA GLU A 246 22.89 19.55 2.66
C GLU A 246 21.91 20.02 3.73
N ARG A 247 21.66 21.33 3.81
CA ARG A 247 20.73 21.85 4.80
C ARG A 247 19.38 21.15 4.69
N LEU A 248 18.91 20.95 3.46
CA LEU A 248 17.64 20.27 3.21
C LEU A 248 17.66 18.84 3.73
N HIS A 249 18.71 18.09 3.40
CA HIS A 249 18.81 16.71 3.86
C HIS A 249 18.85 16.64 5.38
N ARG A 250 19.61 17.54 6.02
CA ARG A 250 19.70 17.51 7.47
C ARG A 250 18.36 17.85 8.10
N PHE A 251 17.65 18.83 7.54
CA PHE A 251 16.32 19.17 8.06
C PHE A 251 15.35 18.01 7.93
N LEU A 252 15.35 17.34 6.77
CA LEU A 252 14.35 16.30 6.57
C LEU A 252 14.72 14.95 7.18
N THR A 253 15.96 14.78 7.65
CA THR A 253 16.33 13.56 8.37
C THR A 253 16.62 13.82 9.85
N ALA A 254 16.41 15.04 10.33
CA ALA A 254 16.64 15.35 11.74
C ALA A 254 15.73 14.51 12.63
N ASP A 255 16.28 14.03 13.75
CA ASP A 255 15.58 13.11 14.64
C ASP A 255 15.30 13.73 16.00
N ASP A 256 15.15 15.05 16.07
CA ASP A 256 14.78 15.69 17.32
C ASP A 256 13.35 16.22 17.24
N PRO A 257 12.57 16.09 18.32
CA PRO A 257 11.22 16.65 18.32
C PRO A 257 11.23 18.13 17.99
N LEU A 258 10.21 18.56 17.26
CA LEU A 258 10.04 19.98 16.98
C LEU A 258 9.47 20.67 18.22
N ARG A 259 9.54 22.01 18.21
CA ARG A 259 8.86 22.77 19.26
C ARG A 259 7.38 22.41 19.29
N ALA A 260 6.77 22.32 18.11
CA ALA A 260 5.33 22.04 18.02
C ALA A 260 4.99 20.67 18.57
N CYS A 261 5.96 19.73 18.57
CA CYS A 261 5.72 18.41 19.14
C CYS A 261 5.17 18.51 20.55
N ARG A 262 5.59 19.52 21.32
CA ARG A 262 5.15 19.55 22.71
C ARG A 262 3.68 19.91 22.87
N ASN A 263 3.03 20.40 21.81
CA ASN A 263 1.60 20.64 21.83
C ASN A 263 0.83 19.71 20.89
N CYS A 264 1.46 18.65 20.39
CA CYS A 264 0.85 17.79 19.40
C CYS A 264 0.76 16.33 19.88
N LEU A 265 -0.22 15.60 19.31
CA LEU A 265 -0.39 14.18 19.58
C LEU A 265 0.15 13.30 18.47
N GLY A 266 0.77 13.88 17.44
CA GLY A 266 1.26 13.10 16.32
C GLY A 266 0.24 12.14 15.75
N SER A 267 0.57 10.84 15.75
CA SER A 267 -0.31 9.81 15.22
C SER A 267 -0.99 8.98 16.30
N VAL A 268 -0.82 9.33 17.57
CA VAL A 268 -1.28 8.47 18.65
C VAL A 268 -2.31 9.18 19.55
N GLY A 269 -3.00 10.18 19.03
CA GLY A 269 -4.09 10.78 19.76
C GLY A 269 -5.25 9.83 19.94
N LYS A 270 -6.07 10.12 20.95
CA LYS A 270 -7.22 9.26 21.26
C LYS A 270 -8.24 9.26 20.12
N LEU A 271 -8.79 8.08 19.87
CA LEU A 271 -9.79 7.87 18.83
C LEU A 271 -11.15 8.43 19.26
N HIS A 272 -11.89 8.99 18.31
CA HIS A 272 -13.25 9.44 18.56
C HIS A 272 -14.05 9.35 17.27
N PRO A 273 -15.36 9.17 17.36
CA PRO A 273 -16.19 9.18 16.14
C PRO A 273 -16.01 10.48 15.38
N HIS A 274 -15.96 10.38 14.05
CA HIS A 274 -15.82 11.58 13.25
C HIS A 274 -17.10 12.41 13.31
N GLN A 275 -16.93 13.70 13.56
CA GLN A 275 -18.06 14.61 13.69
C GLN A 275 -17.56 16.03 13.50
N GLU A 276 -18.48 16.91 13.11
CA GLU A 276 -18.19 18.33 13.03
C GLU A 276 -18.66 19.03 14.30
N LEU A 277 -17.97 20.09 14.67
CA LEU A 277 -18.26 20.86 15.88
C LEU A 277 -18.63 22.29 15.51
N PRO A 278 -19.34 22.99 16.37
CA PRO A 278 -19.51 24.43 16.18
C PRO A 278 -18.16 25.13 16.20
N ARG A 279 -18.07 26.25 15.48
CA ARG A 279 -16.84 27.04 15.48
C ARG A 279 -16.52 27.55 16.88
N ALA A 280 -17.55 27.91 17.65
CA ALA A 280 -17.35 28.40 19.01
C ALA A 280 -16.85 27.29 19.92
N GLY A 281 -15.67 27.49 20.52
CA GLY A 281 -15.11 26.49 21.41
C GLY A 281 -14.48 25.30 20.72
N TRP A 282 -14.19 25.41 19.43
CA TRP A 282 -13.62 24.30 18.67
C TRP A 282 -12.24 23.90 19.18
N GLN A 283 -11.45 24.88 19.64
CA GLN A 283 -10.08 24.60 20.07
C GLN A 283 -10.05 23.68 21.28
N VAL A 284 -8.95 22.93 21.39
CA VAL A 284 -8.79 21.88 22.40
C VAL A 284 -7.94 22.42 23.54
N THR A 285 -8.45 22.35 24.77
CA THR A 285 -7.71 22.82 25.93
C THR A 285 -7.28 21.71 26.90
N GLU A 286 -7.78 20.49 26.75
CA GLU A 286 -7.44 19.45 27.71
C GLU A 286 -5.93 19.18 27.69
N GLN A 287 -5.39 18.75 28.83
CA GLN A 287 -3.96 18.55 28.92
C GLN A 287 -3.53 17.42 27.98
N LEU A 288 -2.44 17.67 27.26
CA LEU A 288 -2.02 16.81 26.14
C LEU A 288 -1.88 15.35 26.58
N ALA A 289 -1.30 15.13 27.77
CA ALA A 289 -1.07 13.78 28.25
C ALA A 289 -2.35 12.98 28.38
N ALA A 290 -3.48 13.65 28.64
CA ALA A 290 -4.75 12.96 28.77
C ALA A 290 -5.36 12.56 27.43
N LEU A 291 -4.81 13.05 26.32
CA LEU A 291 -5.34 12.79 24.99
C LEU A 291 -4.52 11.75 24.24
N VAL A 292 -3.51 11.16 24.87
CA VAL A 292 -2.67 10.17 24.21
C VAL A 292 -3.34 8.80 24.31
N ASP A 293 -3.40 8.08 23.20
CA ASP A 293 -3.84 6.69 23.20
C ASP A 293 -2.61 5.85 23.52
N TYR A 294 -2.38 5.61 24.81
CA TYR A 294 -1.16 4.93 25.24
C TYR A 294 -1.04 3.49 24.72
N PRO A 295 -2.09 2.66 24.72
CA PRO A 295 -1.96 1.34 24.06
C PRO A 295 -1.58 1.44 22.60
N PHE A 296 -2.19 2.36 21.86
CA PHE A 296 -1.81 2.54 20.46
C PHE A 296 -0.40 3.11 20.34
N LEU A 297 0.04 3.93 21.29
CA LEU A 297 1.42 4.41 21.27
C LEU A 297 2.39 3.25 21.41
N LYS A 298 2.09 2.30 22.29
CA LYS A 298 2.86 1.06 22.39
C LYS A 298 2.89 0.32 21.06
N VAL A 299 1.70 0.14 20.46
CA VAL A 299 1.60 -0.58 19.20
C VAL A 299 2.45 0.09 18.12
N CYS A 300 2.34 1.42 18.01
CA CYS A 300 3.09 2.16 17.00
C CYS A 300 4.58 2.16 17.30
N LYS A 301 4.97 2.11 18.57
CA LYS A 301 6.38 1.93 18.90
C LYS A 301 6.90 0.62 18.34
N ASP A 302 6.05 -0.42 18.32
CA ASP A 302 6.49 -1.66 17.70
C ASP A 302 6.50 -1.56 16.16
N ASP A 303 5.47 -0.94 15.58
CA ASP A 303 5.34 -0.84 14.12
C ASP A 303 4.72 0.51 13.81
N ILE A 304 5.53 1.45 13.31
CA ILE A 304 5.05 2.80 13.02
C ILE A 304 3.98 2.82 11.93
N THR A 305 3.88 1.75 11.14
CA THR A 305 2.89 1.68 10.08
C THR A 305 1.52 1.20 10.55
N ALA A 306 1.37 0.94 11.85
CA ALA A 306 0.11 0.39 12.38
C ALA A 306 -1.08 1.24 11.95
N ASP A 307 -2.11 0.58 11.43
CA ASP A 307 -3.30 1.29 10.95
C ASP A 307 -3.95 2.07 12.08
N ASP A 308 -4.31 3.32 11.80
CA ASP A 308 -4.83 4.21 12.83
C ASP A 308 -6.30 3.97 13.15
N GLY A 309 -6.98 3.10 12.41
CA GLY A 309 -8.37 2.81 12.69
C GLY A 309 -9.35 3.91 12.35
N CYS A 310 -8.94 4.90 11.55
CA CYS A 310 -9.81 6.01 11.21
C CYS A 310 -10.63 5.74 9.96
N VAL A 311 -10.06 5.04 8.99
CA VAL A 311 -10.75 4.70 7.75
C VAL A 311 -11.47 3.37 7.95
N GLU A 312 -12.80 3.39 7.82
CA GLU A 312 -13.56 2.14 7.92
C GLU A 312 -13.36 1.30 6.67
N ARG A 313 -13.39 1.93 5.50
CA ARG A 313 -13.18 1.23 4.24
C ARG A 313 -12.58 2.18 3.22
N SER A 314 -11.90 1.60 2.24
CA SER A 314 -11.17 2.36 1.24
C SER A 314 -11.41 1.72 -0.12
N LEU A 315 -11.76 2.54 -1.11
CA LEU A 315 -11.93 2.11 -2.49
C LEU A 315 -10.78 2.68 -3.31
N SER A 316 -10.12 1.81 -4.08
CA SER A 316 -9.02 2.23 -4.94
C SER A 316 -9.31 1.78 -6.36
N ALA A 317 -9.13 2.69 -7.31
CA ALA A 317 -9.25 2.42 -8.75
C ALA A 317 -8.01 3.04 -9.36
N PRO A 318 -6.89 2.34 -9.32
CA PRO A 318 -5.64 2.87 -9.87
C PRO A 318 -5.57 2.72 -11.39
N VAL A 319 -4.70 3.53 -11.99
CA VAL A 319 -4.32 3.37 -13.39
C VAL A 319 -3.02 2.59 -13.41
N GLY A 320 -2.94 1.56 -14.25
CA GLY A 320 -1.81 0.67 -14.24
C GLY A 320 -1.36 0.31 -15.64
N GLY A 321 -0.09 -0.07 -15.73
CA GLY A 321 0.49 -0.48 -16.99
C GLY A 321 1.52 0.49 -17.54
N MET B 21 11.68 -3.80 1.89
CA MET B 21 11.44 -4.54 0.66
C MET B 21 12.22 -5.85 0.63
N SER B 22 13.52 -5.77 0.93
CA SER B 22 14.38 -6.93 0.78
C SER B 22 14.40 -7.77 2.06
N VAL B 23 14.90 -8.99 1.91
CA VAL B 23 14.99 -9.96 2.98
C VAL B 23 16.20 -9.64 3.86
N ARG B 24 16.08 -9.85 5.17
CA ARG B 24 17.16 -9.48 6.08
C ARG B 24 17.56 -10.67 6.94
N LEU B 25 18.77 -10.62 7.49
CA LEU B 25 19.24 -11.63 8.43
C LEU B 25 19.36 -10.97 9.80
N ALA B 26 18.57 -11.45 10.76
CA ALA B 26 18.55 -10.81 12.07
C ALA B 26 18.18 -11.84 13.13
N ASP B 27 18.84 -11.76 14.28
CA ASP B 27 18.54 -12.58 15.45
C ASP B 27 18.43 -14.05 15.03
N GLY B 28 19.37 -14.50 14.20
CA GLY B 28 19.48 -15.89 13.85
C GLY B 28 18.51 -16.37 12.79
N LYS B 29 17.76 -15.48 12.13
CA LYS B 29 16.76 -15.93 11.18
C LYS B 29 16.71 -15.02 9.96
N VAL B 30 16.41 -15.64 8.82
CA VAL B 30 16.06 -14.93 7.59
C VAL B 30 14.63 -14.40 7.73
N ARG B 31 14.48 -13.08 7.67
CA ARG B 31 13.22 -12.38 7.88
C ARG B 31 12.72 -11.82 6.56
N ASN B 32 11.53 -12.28 6.15
CA ASN B 32 10.82 -11.78 4.99
C ASN B 32 9.76 -10.77 5.43
N PRO B 33 9.85 -9.50 5.02
CA PRO B 33 8.81 -8.54 5.40
C PRO B 33 7.46 -8.82 4.76
N GLU B 34 7.40 -9.68 3.76
CA GLU B 34 6.15 -10.05 3.11
C GLU B 34 5.71 -11.41 3.64
N GLY B 35 5.33 -12.38 2.80
CA GLY B 35 4.71 -13.59 3.29
C GLY B 35 5.34 -14.84 2.74
N ILE B 36 5.17 -15.92 3.49
CA ILE B 36 5.49 -17.27 3.04
C ILE B 36 4.19 -17.93 2.57
N GLU B 37 4.22 -18.47 1.36
CA GLU B 37 3.04 -18.95 0.67
C GLU B 37 2.90 -20.46 0.81
N VAL B 38 1.73 -20.89 1.26
CA VAL B 38 1.38 -22.28 1.45
C VAL B 38 0.12 -22.53 0.62
N ASN B 39 0.22 -23.41 -0.37
CA ASN B 39 -0.89 -23.66 -1.29
C ASN B 39 -1.71 -24.82 -0.75
N ALA B 40 -2.85 -24.49 -0.14
CA ALA B 40 -3.74 -25.51 0.42
C ALA B 40 -4.17 -26.51 -0.64
N SER B 41 -4.50 -26.03 -1.84
CA SER B 41 -5.00 -26.88 -2.91
C SER B 41 -4.37 -26.42 -4.21
N LEU B 42 -3.80 -27.35 -4.96
CA LEU B 42 -3.23 -26.98 -6.26
C LEU B 42 -4.29 -26.86 -7.33
N GLN B 43 -5.45 -27.49 -7.14
CA GLN B 43 -6.57 -27.40 -8.07
C GLN B 43 -7.43 -26.18 -7.76
N CYS B 44 -8.33 -25.86 -8.68
CA CYS B 44 -9.28 -24.78 -8.48
C CYS B 44 -10.59 -25.14 -9.16
N ASN B 45 -11.64 -24.37 -8.85
CA ASN B 45 -12.93 -24.50 -9.50
C ASN B 45 -13.10 -23.54 -10.66
N MET B 46 -12.08 -22.74 -10.96
CA MET B 46 -12.05 -21.82 -12.08
C MET B 46 -10.97 -22.22 -13.06
N ARG B 47 -11.05 -21.68 -14.28
CA ARG B 47 -10.10 -22.01 -15.34
C ARG B 47 -9.53 -20.74 -15.97
N CYS B 48 -9.10 -19.81 -15.13
CA CYS B 48 -8.64 -18.52 -15.61
C CYS B 48 -7.50 -18.64 -16.60
N GLN B 49 -7.58 -17.90 -17.70
CA GLN B 49 -6.46 -17.77 -18.62
C GLN B 49 -5.28 -17.15 -17.89
N SER B 50 -4.10 -17.74 -18.09
CA SER B 50 -2.85 -17.23 -17.53
C SER B 50 -2.80 -17.31 -16.01
N CYS B 51 -3.52 -18.26 -15.41
CA CYS B 51 -3.39 -18.51 -13.98
C CYS B 51 -1.92 -18.67 -13.62
N ALA B 52 -1.46 -17.86 -12.65
CA ALA B 52 -0.04 -17.82 -12.35
C ALA B 52 0.46 -19.12 -11.73
N HIS B 53 -0.41 -19.86 -11.05
CA HIS B 53 -0.07 -21.17 -10.51
C HIS B 53 -0.45 -22.30 -11.44
N LEU B 54 -0.95 -21.99 -12.64
CA LEU B 54 -1.39 -22.99 -13.63
C LEU B 54 -2.38 -23.97 -13.02
N SER B 55 -3.16 -23.48 -12.05
CA SER B 55 -4.11 -24.34 -11.33
C SER B 55 -5.13 -25.06 -12.22
N PRO B 56 -5.65 -24.49 -13.30
CA PRO B 56 -6.57 -25.25 -14.15
C PRO B 56 -5.99 -26.55 -14.67
N LEU B 57 -4.67 -26.70 -14.69
CA LEU B 57 -4.00 -27.90 -15.17
C LEU B 57 -3.73 -28.92 -14.08
N TYR B 58 -4.10 -28.64 -12.83
CA TYR B 58 -3.74 -29.49 -11.70
C TYR B 58 -4.92 -30.34 -11.26
N ARG B 59 -4.66 -31.64 -11.06
CA ARG B 59 -5.66 -32.46 -10.43
C ARG B 59 -5.75 -32.11 -8.94
N ARG B 60 -6.85 -32.53 -8.33
CA ARG B 60 -7.09 -32.28 -6.92
C ARG B 60 -5.90 -32.74 -6.09
N GLU B 61 -5.32 -31.80 -5.34
CA GLU B 61 -4.19 -32.12 -4.46
C GLU B 61 -4.25 -31.17 -3.26
N ASN B 62 -4.61 -31.71 -2.10
CA ASN B 62 -4.82 -30.94 -0.88
C ASN B 62 -3.68 -31.22 0.10
N ALA B 63 -3.09 -30.15 0.63
CA ALA B 63 -1.94 -30.28 1.51
C ALA B 63 -2.32 -30.97 2.82
N ASP B 64 -1.35 -31.68 3.40
CA ASP B 64 -1.57 -32.37 4.67
C ASP B 64 -1.20 -31.43 5.82
N PRO B 65 -2.12 -31.14 6.74
CA PRO B 65 -1.78 -30.22 7.84
C PRO B 65 -0.60 -30.67 8.67
N ALA B 66 -0.49 -31.97 8.95
CA ALA B 66 0.64 -32.48 9.73
C ALA B 66 1.95 -32.28 8.99
N GLU B 67 2.01 -32.67 7.72
CA GLU B 67 3.23 -32.50 6.93
C GLU B 67 3.61 -31.04 6.79
N ILE B 68 2.62 -30.18 6.50
CA ILE B 68 2.89 -28.75 6.39
C ILE B 68 3.44 -28.23 7.71
N HIS B 69 2.86 -28.67 8.83
CA HIS B 69 3.34 -28.23 10.14
C HIS B 69 4.78 -28.66 10.36
N ASP B 70 5.10 -29.92 10.06
CA ASP B 70 6.47 -30.41 10.24
C ASP B 70 7.47 -29.62 9.39
N THR B 71 7.20 -29.52 8.09
CA THR B 71 8.12 -28.82 7.18
C THR B 71 8.30 -27.36 7.59
N LEU B 72 7.19 -26.67 7.86
CA LEU B 72 7.28 -25.26 8.24
C LEU B 72 7.89 -25.08 9.63
N SER B 73 7.73 -26.07 10.51
CA SER B 73 8.40 -26.02 11.80
C SER B 73 9.91 -26.08 11.62
N VAL B 74 10.38 -26.96 10.72
CA VAL B 74 11.81 -27.01 10.43
C VAL B 74 12.27 -25.69 9.83
N LEU B 75 11.52 -25.17 8.85
CA LEU B 75 11.91 -23.92 8.20
C LEU B 75 11.92 -22.75 9.18
N ALA B 76 10.99 -22.74 10.14
CA ALA B 76 10.82 -21.64 11.06
C ALA B 76 12.01 -21.47 11.99
N ARG B 77 12.83 -22.52 12.13
CA ARG B 77 14.03 -22.42 12.93
C ARG B 77 15.03 -21.44 12.32
N SER B 78 14.94 -21.19 11.02
CA SER B 78 15.84 -20.31 10.31
C SER B 78 15.13 -19.19 9.54
N TYR B 79 13.81 -19.09 9.64
CA TYR B 79 13.04 -18.22 8.76
C TYR B 79 11.82 -17.71 9.49
N HIS B 80 11.51 -16.43 9.29
CA HIS B 80 10.27 -15.84 9.79
C HIS B 80 9.74 -14.83 8.78
N ALA B 81 8.42 -14.83 8.58
CA ALA B 81 7.77 -13.92 7.66
C ALA B 81 6.69 -13.13 8.40
N SER B 82 6.32 -11.99 7.82
CA SER B 82 5.27 -11.18 8.42
C SER B 82 3.92 -11.90 8.41
N TYR B 83 3.60 -12.62 7.33
CA TYR B 83 2.37 -13.38 7.27
C TYR B 83 2.59 -14.67 6.50
N ALA B 84 1.71 -15.64 6.77
CA ALA B 84 1.61 -16.84 5.96
C ALA B 84 0.37 -16.73 5.08
N LYS B 85 0.55 -16.91 3.78
CA LYS B 85 -0.53 -16.76 2.81
C LYS B 85 -1.00 -18.15 2.41
N ILE B 86 -2.16 -18.55 2.90
CA ILE B 86 -2.76 -19.83 2.52
C ILE B 86 -3.62 -19.60 1.28
N MET B 87 -3.25 -20.28 0.20
CA MET B 87 -3.81 -19.98 -1.12
C MET B 87 -3.75 -21.23 -1.98
N GLY B 88 -3.54 -21.04 -3.28
CA GLY B 88 -3.20 -22.14 -4.16
C GLY B 88 -3.90 -21.98 -5.49
N GLY B 89 -4.71 -22.97 -5.85
CA GLY B 89 -5.86 -22.71 -6.68
C GLY B 89 -6.87 -22.11 -5.75
N GLU B 90 -7.91 -22.85 -5.39
CA GLU B 90 -8.92 -22.35 -4.45
C GLU B 90 -8.75 -23.05 -3.11
N PRO B 91 -8.22 -22.38 -2.08
CA PRO B 91 -8.01 -23.05 -0.78
C PRO B 91 -9.30 -23.47 -0.09
N LEU B 92 -10.44 -22.85 -0.39
CA LEU B 92 -11.68 -23.31 0.20
C LEU B 92 -12.11 -24.68 -0.31
N LEU B 93 -11.48 -25.20 -1.35
CA LEU B 93 -11.72 -26.58 -1.77
C LEU B 93 -11.10 -27.58 -0.82
N HIS B 94 -10.18 -27.16 0.02
CA HIS B 94 -9.54 -28.06 0.97
C HIS B 94 -10.56 -28.63 1.94
N PRO B 95 -10.49 -29.92 2.26
CA PRO B 95 -11.48 -30.53 3.16
C PRO B 95 -11.37 -30.08 4.62
N ASP B 96 -10.26 -29.46 5.02
CA ASP B 96 -10.06 -29.01 6.39
C ASP B 96 -9.14 -27.79 6.36
N VAL B 97 -9.64 -26.68 5.81
CA VAL B 97 -8.80 -25.49 5.68
C VAL B 97 -8.48 -24.89 7.04
N VAL B 98 -9.40 -24.99 8.00
CA VAL B 98 -9.13 -24.44 9.33
C VAL B 98 -8.01 -25.23 10.02
N GLY B 99 -8.01 -26.56 9.85
CA GLY B 99 -6.92 -27.36 10.40
C GLY B 99 -5.57 -26.99 9.81
N LEU B 100 -5.53 -26.73 8.50
CA LEU B 100 -4.30 -26.27 7.87
C LEU B 100 -3.90 -24.89 8.41
N ILE B 101 -4.87 -23.99 8.54
CA ILE B 101 -4.62 -22.66 9.08
C ILE B 101 -3.97 -22.77 10.45
N GLU B 102 -4.53 -23.60 11.32
CA GLU B 102 -3.99 -23.73 12.68
C GLU B 102 -2.64 -24.44 12.67
N ALA B 103 -2.45 -25.42 11.79
CA ALA B 103 -1.14 -26.06 11.66
C ALA B 103 -0.08 -25.03 11.27
N VAL B 104 -0.42 -24.14 10.33
CA VAL B 104 0.52 -23.10 9.93
C VAL B 104 0.80 -22.16 11.09
N ARG B 105 -0.26 -21.73 11.78
CA ARG B 105 -0.10 -20.79 12.89
C ARG B 105 0.76 -21.39 14.02
N ALA B 106 0.59 -22.69 14.29
CA ALA B 106 1.26 -23.30 15.43
C ALA B 106 2.77 -23.33 15.26
N THR B 107 3.26 -23.33 14.02
CA THR B 107 4.70 -23.27 13.80
C THR B 107 5.28 -21.92 14.20
N GLY B 108 4.46 -20.88 14.26
CA GLY B 108 4.95 -19.55 14.55
C GLY B 108 5.84 -18.96 13.49
N ILE B 109 5.87 -19.54 12.29
CA ILE B 109 6.73 -19.04 11.22
C ILE B 109 6.32 -17.66 10.77
N SER B 110 5.10 -17.23 11.10
CA SER B 110 4.60 -15.93 10.69
C SER B 110 3.94 -15.23 11.86
N ASP B 111 3.73 -13.92 11.70
CA ASP B 111 2.97 -13.16 12.69
C ASP B 111 1.47 -13.38 12.55
N THR B 112 0.98 -13.39 11.31
CA THR B 112 -0.44 -13.53 11.03
C THR B 112 -0.63 -14.52 9.90
N VAL B 113 -1.89 -14.93 9.70
CA VAL B 113 -2.24 -15.91 8.68
C VAL B 113 -3.29 -15.29 7.76
N LEU B 114 -2.98 -15.29 6.46
CA LEU B 114 -3.83 -14.74 5.42
C LEU B 114 -4.31 -15.85 4.49
N VAL B 115 -5.59 -15.81 4.13
CA VAL B 115 -6.17 -16.71 3.15
C VAL B 115 -6.59 -15.88 1.93
N ALA B 116 -6.24 -16.37 0.73
CA ALA B 116 -6.58 -15.71 -0.53
C ALA B 116 -7.53 -16.60 -1.30
N THR B 117 -8.70 -16.07 -1.68
CA THR B 117 -9.75 -16.89 -2.27
C THR B 117 -10.39 -16.17 -3.43
N ASN B 118 -10.94 -16.95 -4.37
CA ASN B 118 -11.75 -16.40 -5.46
C ASN B 118 -13.14 -15.96 -5.00
N GLY B 119 -13.52 -16.28 -3.75
CA GLY B 119 -14.77 -15.84 -3.19
C GLY B 119 -15.98 -16.64 -3.60
N THR B 120 -15.86 -17.52 -4.60
CA THR B 120 -17.03 -18.25 -5.10
C THR B 120 -17.58 -19.23 -4.06
N LEU B 121 -16.76 -19.65 -3.10
CA LEU B 121 -17.18 -20.59 -2.07
C LEU B 121 -17.24 -19.96 -0.68
N LEU B 122 -16.96 -18.66 -0.55
CA LEU B 122 -16.82 -18.05 0.77
C LEU B 122 -18.12 -18.05 1.57
N HIS B 123 -19.26 -17.97 0.88
CA HIS B 123 -20.54 -18.00 1.57
C HIS B 123 -20.83 -19.33 2.25
N ARG B 124 -20.07 -20.39 1.94
CA ARG B 124 -20.22 -21.67 2.59
C ARG B 124 -19.31 -21.84 3.81
N ALA B 125 -18.38 -20.91 4.03
CA ALA B 125 -17.49 -20.99 5.18
C ALA B 125 -18.25 -20.78 6.48
N THR B 126 -17.84 -21.51 7.52
CA THR B 126 -18.49 -21.45 8.82
C THR B 126 -17.85 -20.39 9.70
N GLU B 127 -18.37 -20.26 10.92
CA GLU B 127 -17.80 -19.34 11.90
C GLU B 127 -16.36 -19.72 12.27
N ARG B 128 -16.04 -21.02 12.25
CA ARG B 128 -14.67 -21.46 12.50
C ARG B 128 -13.69 -20.81 11.53
N PHE B 129 -14.03 -20.75 10.25
CA PHE B 129 -13.14 -20.14 9.28
C PHE B 129 -12.91 -18.66 9.61
N TRP B 130 -13.99 -17.91 9.84
CA TRP B 130 -13.86 -16.48 10.10
C TRP B 130 -13.10 -16.22 11.39
N GLN B 131 -13.23 -17.09 12.38
CA GLN B 131 -12.48 -16.96 13.62
C GLN B 131 -11.01 -17.37 13.45
N ALA B 132 -10.70 -18.21 12.47
CA ALA B 132 -9.35 -18.75 12.34
C ALA B 132 -8.38 -17.80 11.64
N VAL B 133 -8.86 -16.99 10.70
CA VAL B 133 -7.98 -16.17 9.87
C VAL B 133 -7.79 -14.80 10.50
N ASP B 134 -6.60 -14.23 10.26
CA ASP B 134 -6.31 -12.85 10.60
C ASP B 134 -6.64 -11.89 9.45
N SER B 135 -6.43 -12.31 8.21
CA SER B 135 -6.67 -11.48 7.03
C SER B 135 -7.32 -12.33 5.94
N LEU B 136 -8.09 -11.66 5.10
CA LEU B 136 -8.79 -12.33 4.00
C LEU B 136 -8.66 -11.49 2.74
N GLU B 137 -8.28 -12.13 1.64
CA GLU B 137 -8.17 -11.46 0.35
C GLU B 137 -9.06 -12.17 -0.65
N ILE B 138 -9.99 -11.43 -1.24
CA ILE B 138 -10.96 -11.98 -2.19
C ILE B 138 -10.65 -11.41 -3.57
N SER B 139 -10.46 -12.30 -4.54
CA SER B 139 -10.35 -11.92 -5.93
C SER B 139 -11.71 -12.10 -6.60
N VAL B 140 -12.22 -11.03 -7.20
CA VAL B 140 -13.53 -11.03 -7.83
C VAL B 140 -13.33 -10.94 -9.34
N TYR B 141 -13.74 -11.98 -10.05
CA TYR B 141 -13.49 -12.08 -11.48
C TYR B 141 -14.78 -11.90 -12.28
N PRO B 142 -14.70 -11.34 -13.50
CA PRO B 142 -15.93 -11.05 -14.25
C PRO B 142 -16.84 -12.24 -14.46
N SER B 143 -16.28 -13.41 -14.79
CA SER B 143 -17.09 -14.58 -15.07
C SER B 143 -17.72 -15.22 -13.83
N ARG B 144 -17.26 -14.87 -12.62
CA ARG B 144 -17.85 -15.36 -11.37
C ARG B 144 -18.05 -14.17 -10.43
N MET B 145 -18.84 -13.20 -10.89
CA MET B 145 -19.02 -11.96 -10.16
C MET B 145 -19.73 -12.18 -8.83
N ILE B 146 -19.30 -11.44 -7.81
CA ILE B 146 -19.95 -11.41 -6.50
C ILE B 146 -20.70 -10.09 -6.37
N ALA B 147 -21.99 -10.19 -6.02
CA ALA B 147 -22.85 -9.02 -5.92
C ALA B 147 -22.33 -8.05 -4.86
N PRO B 148 -22.50 -6.74 -5.06
CA PRO B 148 -21.95 -5.78 -4.08
C PRO B 148 -22.50 -5.98 -2.67
N GLU B 149 -23.72 -6.49 -2.54
CA GLU B 149 -24.27 -6.76 -1.21
C GLU B 149 -23.57 -7.93 -0.55
N GLU B 150 -23.08 -8.90 -1.33
CA GLU B 150 -22.32 -10.00 -0.74
C GLU B 150 -20.94 -9.54 -0.29
N ILE B 151 -20.32 -8.65 -1.07
CA ILE B 151 -19.06 -8.05 -0.64
C ILE B 151 -19.28 -7.23 0.63
N GLU B 152 -20.41 -6.54 0.72
CA GLU B 152 -20.70 -5.77 1.94
C GLU B 152 -20.92 -6.68 3.14
N ARG B 153 -21.70 -7.75 2.98
CA ARG B 153 -21.83 -8.75 4.04
C ARG B 153 -20.46 -9.27 4.47
N TYR B 154 -19.58 -9.54 3.49
CA TYR B 154 -18.24 -10.03 3.83
C TYR B 154 -17.45 -8.98 4.61
N ARG B 155 -17.61 -7.71 4.25
CA ARG B 155 -16.95 -6.65 4.99
C ARG B 155 -17.46 -6.61 6.43
N VAL B 156 -18.76 -6.82 6.61
CA VAL B 156 -19.34 -6.84 7.95
C VAL B 156 -18.81 -8.02 8.75
N LEU B 157 -18.77 -9.21 8.13
CA LEU B 157 -18.22 -10.38 8.79
C LEU B 157 -16.76 -10.16 9.17
N ALA B 158 -15.99 -9.54 8.28
CA ALA B 158 -14.58 -9.26 8.57
C ALA B 158 -14.45 -8.35 9.78
N ARG B 159 -15.22 -7.25 9.81
CA ARG B 159 -15.16 -6.35 10.96
C ARG B 159 -15.57 -7.05 12.24
N GLU B 160 -16.60 -7.91 12.19
CA GLU B 160 -17.08 -8.58 13.40
C GLU B 160 -16.01 -9.51 13.98
N HIS B 161 -15.22 -10.15 13.13
CA HIS B 161 -14.23 -11.11 13.58
C HIS B 161 -12.82 -10.55 13.64
N GLY B 162 -12.67 -9.23 13.51
CA GLY B 162 -11.33 -8.64 13.53
C GLY B 162 -10.43 -9.14 12.43
N VAL B 163 -10.97 -9.31 11.22
CA VAL B 163 -10.24 -9.78 10.05
C VAL B 163 -10.03 -8.61 9.12
N SER B 164 -8.77 -8.33 8.78
CA SER B 164 -8.48 -7.33 7.75
C SER B 164 -8.91 -7.88 6.38
N LEU B 165 -9.63 -7.06 5.61
CA LEU B 165 -10.22 -7.53 4.36
C LEU B 165 -9.70 -6.73 3.17
N LEU B 166 -9.39 -7.44 2.09
CA LEU B 166 -9.05 -6.84 0.81
C LEU B 166 -9.82 -7.55 -0.29
N VAL B 167 -10.54 -6.79 -1.11
CA VAL B 167 -11.31 -7.33 -2.22
C VAL B 167 -10.79 -6.70 -3.49
N ASN B 168 -10.22 -7.52 -4.38
CA ASN B 168 -9.67 -7.07 -5.65
C ASN B 168 -10.62 -7.47 -6.77
N TYR B 169 -11.17 -6.47 -7.47
CA TYR B 169 -11.94 -6.68 -8.69
C TYR B 169 -10.98 -6.59 -9.87
N TYR B 170 -10.76 -7.73 -10.53
CA TYR B 170 -9.82 -7.85 -11.62
C TYR B 170 -10.49 -7.57 -12.97
N GLY B 171 -9.87 -6.72 -13.76
CA GLY B 171 -10.30 -6.51 -15.13
C GLY B 171 -9.43 -7.26 -16.12
N HIS B 172 -8.15 -7.41 -15.79
CA HIS B 172 -7.20 -8.04 -16.71
C HIS B 172 -6.27 -8.99 -15.96
N PHE B 173 -5.65 -9.88 -16.73
CA PHE B 173 -4.52 -10.70 -16.29
C PHE B 173 -3.36 -10.47 -17.25
N ARG B 174 -2.15 -10.79 -16.82
CA ARG B 174 -1.00 -10.76 -17.70
C ARG B 174 -0.52 -12.18 -18.00
N ALA B 175 0.01 -12.36 -19.21
CA ALA B 175 0.57 -13.65 -19.59
C ALA B 175 1.64 -14.06 -18.60
N VAL B 176 1.73 -15.36 -18.32
CA VAL B 176 2.55 -15.87 -17.23
C VAL B 176 3.65 -16.81 -17.72
N TYR B 177 3.37 -17.60 -18.75
CA TYR B 177 4.32 -18.63 -19.16
C TYR B 177 4.04 -19.03 -20.60
N SER B 178 4.93 -19.84 -21.15
CA SER B 178 4.69 -20.52 -22.41
C SER B 178 5.54 -21.77 -22.49
N GLU B 179 5.03 -22.78 -23.20
CA GLU B 179 5.83 -23.95 -23.51
C GLU B 179 6.95 -23.60 -24.49
N SER B 180 6.73 -22.59 -25.33
CA SER B 180 7.75 -22.13 -26.28
C SER B 180 8.58 -21.09 -25.57
N GLY B 181 9.68 -21.54 -24.95
CA GLY B 181 10.52 -20.67 -24.16
C GLY B 181 11.43 -19.82 -25.02
N THR B 182 12.15 -18.94 -24.36
CA THR B 182 13.04 -18.03 -25.05
C THR B 182 14.48 -18.51 -25.00
N ASP B 183 15.18 -18.26 -26.10
CA ASP B 183 16.59 -18.55 -26.26
C ASP B 183 17.49 -17.33 -26.00
N ALA B 184 16.90 -16.16 -25.72
CA ALA B 184 17.64 -14.92 -25.53
C ALA B 184 17.96 -14.72 -24.05
N PRO B 185 19.22 -14.87 -23.63
CA PRO B 185 19.51 -14.70 -22.20
C PRO B 185 19.29 -13.28 -21.69
N ASP B 186 19.48 -12.26 -22.53
CA ASP B 186 19.23 -10.89 -22.09
C ASP B 186 17.76 -10.66 -21.76
N LEU B 187 16.85 -11.24 -22.57
CA LEU B 187 15.43 -11.14 -22.28
C LEU B 187 15.10 -11.82 -20.95
N VAL B 188 15.71 -12.98 -20.70
CA VAL B 188 15.48 -13.69 -19.43
C VAL B 188 15.98 -12.87 -18.27
N ARG B 189 17.15 -12.24 -18.44
CA ARG B 189 17.70 -11.36 -17.43
C ARG B 189 16.74 -10.23 -17.10
N ASP B 190 16.21 -9.57 -18.14
CA ASP B 190 15.29 -8.46 -17.92
C ASP B 190 14.00 -8.93 -17.25
N VAL B 191 13.50 -10.11 -17.64
CA VAL B 191 12.26 -10.60 -17.03
C VAL B 191 12.48 -10.92 -15.56
N PHE B 192 13.58 -11.59 -15.24
CA PHE B 192 13.89 -11.90 -13.84
C PHE B 192 14.10 -10.64 -13.03
N ASP B 193 14.84 -9.67 -13.58
CA ASP B 193 15.17 -8.45 -12.85
C ASP B 193 13.94 -7.63 -12.50
N THR B 194 12.92 -7.68 -13.35
CA THR B 194 11.69 -6.92 -13.13
C THR B 194 10.59 -7.75 -12.50
N CYS B 195 10.89 -8.97 -12.08
CA CYS B 195 9.86 -9.85 -11.55
C CYS B 195 9.47 -9.43 -10.13
N LYS B 196 8.19 -9.09 -9.95
CA LYS B 196 7.70 -8.72 -8.62
C LYS B 196 7.72 -9.90 -7.67
N LEU B 197 7.49 -11.12 -8.17
CA LEU B 197 7.49 -12.28 -7.29
C LEU B 197 8.87 -12.57 -6.72
N ALA B 198 9.92 -12.41 -7.54
CA ALA B 198 11.26 -12.72 -7.05
C ALA B 198 11.81 -11.63 -6.13
N HIS B 199 11.46 -10.37 -6.36
CA HIS B 199 12.19 -9.25 -5.78
C HIS B 199 11.38 -8.27 -4.96
N PHE B 200 10.04 -8.29 -5.08
CA PHE B 200 9.23 -7.25 -4.46
C PHE B 200 8.16 -7.85 -3.56
N TRP B 201 7.33 -8.74 -4.12
CA TRP B 201 6.35 -9.46 -3.32
C TRP B 201 6.98 -10.56 -2.46
N ASN B 202 8.18 -11.01 -2.80
CA ASN B 202 8.89 -12.08 -2.09
C ASN B 202 7.99 -13.30 -1.90
N SER B 203 7.48 -13.82 -3.02
CA SER B 203 6.50 -14.91 -2.98
C SER B 203 7.19 -16.25 -2.71
N HIS B 204 7.93 -16.29 -1.60
CA HIS B 204 8.55 -17.53 -1.15
C HIS B 204 7.48 -18.60 -0.97
N THR B 205 7.66 -19.74 -1.61
CA THR B 205 6.63 -20.77 -1.72
C THR B 205 7.17 -22.08 -1.15
N VAL B 206 6.42 -22.70 -0.24
CA VAL B 206 6.79 -24.00 0.30
C VAL B 206 6.03 -25.10 -0.41
N TYR B 207 6.76 -26.09 -0.96
CA TYR B 207 6.11 -27.22 -1.60
C TYR B 207 6.95 -28.48 -1.41
N ASP B 208 6.34 -29.51 -0.82
CA ASP B 208 6.89 -30.86 -0.75
C ASP B 208 8.33 -30.86 -0.21
N GLY B 209 8.53 -30.14 0.88
CA GLY B 209 9.81 -30.11 1.55
C GLY B 209 10.85 -29.18 0.95
N TRP B 210 10.50 -28.45 -0.10
CA TRP B 210 11.43 -27.53 -0.73
C TRP B 210 10.87 -26.11 -0.71
N LEU B 211 11.77 -25.14 -0.71
CA LEU B 211 11.42 -23.73 -0.76
C LEU B 211 11.76 -23.16 -2.12
N TYR B 212 10.92 -22.27 -2.62
CA TYR B 212 11.10 -21.68 -3.94
C TYR B 212 10.91 -20.18 -3.84
N ARG B 213 11.54 -19.46 -4.78
CA ARG B 213 11.44 -18.01 -4.83
C ARG B 213 10.05 -17.53 -5.23
N CYS B 214 9.25 -18.41 -5.82
CA CYS B 214 8.03 -18.01 -6.52
C CYS B 214 7.20 -19.26 -6.78
N PRO B 215 5.90 -19.10 -7.00
CA PRO B 215 5.08 -20.26 -7.39
C PRO B 215 5.40 -20.76 -8.79
N GLN B 216 5.74 -19.87 -9.74
CA GLN B 216 5.97 -20.29 -11.11
C GLN B 216 7.10 -21.32 -11.22
N SER B 217 8.17 -21.16 -10.43
CA SER B 217 9.31 -22.05 -10.57
C SER B 217 9.00 -23.48 -10.12
N VAL B 218 8.00 -23.69 -9.28
CA VAL B 218 7.69 -25.04 -8.80
C VAL B 218 6.46 -25.61 -9.51
N PHE B 219 5.50 -24.75 -9.86
CA PHE B 219 4.20 -25.23 -10.33
C PHE B 219 4.04 -25.24 -11.84
N MET B 220 4.87 -24.53 -12.59
CA MET B 220 4.69 -24.48 -14.03
C MET B 220 5.52 -25.50 -14.82
N PRO B 221 6.77 -25.80 -14.40
CA PRO B 221 7.55 -26.79 -15.17
C PRO B 221 6.86 -28.13 -15.28
N ARG B 222 6.17 -28.53 -14.21
CA ARG B 222 5.53 -29.83 -14.18
C ARG B 222 4.30 -29.92 -15.09
N GLN B 223 3.80 -28.79 -15.59
CA GLN B 223 2.61 -28.80 -16.44
C GLN B 223 2.91 -28.53 -17.91
N LEU B 224 4.17 -28.43 -18.28
CA LEU B 224 4.51 -28.37 -19.67
C LEU B 224 4.34 -29.75 -20.30
N ARG B 225 3.63 -29.83 -21.43
CA ARG B 225 3.30 -31.10 -22.04
C ARG B 225 4.55 -31.94 -22.36
N ASP B 226 5.72 -31.31 -22.54
CA ASP B 226 6.97 -32.02 -22.81
C ASP B 226 7.37 -32.88 -21.61
N GLY B 227 6.78 -32.60 -20.43
CA GLY B 227 7.27 -33.07 -19.15
C GLY B 227 8.00 -31.99 -18.36
N GLY B 228 8.57 -31.00 -19.04
CA GLY B 228 9.29 -29.94 -18.36
C GLY B 228 10.63 -30.42 -17.84
N TRP B 229 10.93 -30.07 -16.59
CA TRP B 229 12.17 -30.44 -15.94
C TRP B 229 11.89 -30.54 -14.45
N ASP B 230 12.91 -30.97 -13.71
CA ASP B 230 12.77 -31.09 -12.26
C ASP B 230 12.86 -29.70 -11.65
N PRO B 231 11.76 -29.16 -11.10
CA PRO B 231 11.80 -27.79 -10.56
C PRO B 231 12.70 -27.64 -9.35
N ARG B 232 13.09 -28.73 -8.70
CA ARG B 232 13.97 -28.61 -7.54
C ARG B 232 15.33 -28.02 -7.91
N VAL B 233 15.66 -27.98 -9.21
CA VAL B 233 16.87 -27.30 -9.63
C VAL B 233 16.82 -25.83 -9.24
N ASP B 234 15.63 -25.25 -9.17
CA ASP B 234 15.43 -23.87 -8.76
C ASP B 234 15.04 -23.71 -7.29
N GLY B 235 14.96 -24.82 -6.54
CA GLY B 235 14.54 -24.78 -5.16
C GLY B 235 15.67 -25.00 -4.17
N LEU B 236 15.30 -24.96 -2.90
CA LEU B 236 16.21 -25.26 -1.79
C LEU B 236 15.53 -26.24 -0.85
N ARG B 237 16.20 -27.36 -0.59
CA ARG B 237 15.65 -28.36 0.31
C ARG B 237 15.62 -27.83 1.73
N ILE B 238 14.47 -27.98 2.39
CA ILE B 238 14.28 -27.49 3.76
C ILE B 238 14.83 -28.49 4.77
N GLU B 239 15.79 -28.05 5.57
CA GLU B 239 16.41 -28.87 6.60
C GLU B 239 16.98 -27.92 7.65
N ASP B 240 17.42 -28.49 8.79
CA ASP B 240 17.93 -27.65 9.87
C ASP B 240 19.39 -27.92 10.23
N ASP B 241 20.21 -28.37 9.28
CA ASP B 241 21.62 -28.58 9.57
C ASP B 241 22.28 -27.25 9.90
N PRO B 242 23.40 -27.27 10.67
CA PRO B 242 24.01 -25.99 11.13
C PRO B 242 24.30 -24.99 10.03
N ALA B 243 24.39 -25.42 8.78
CA ALA B 243 24.65 -24.50 7.68
C ALA B 243 23.42 -24.25 6.81
N PHE B 244 22.22 -24.59 7.30
CA PHE B 244 21.02 -24.32 6.51
C PHE B 244 20.70 -22.84 6.45
N LEU B 245 20.90 -22.13 7.56
CA LEU B 245 20.63 -20.70 7.59
C LEU B 245 21.38 -20.01 6.45
N GLU B 246 22.65 -20.35 6.28
CA GLU B 246 23.44 -19.61 5.33
C GLU B 246 22.90 -19.90 3.92
N ARG B 247 22.73 -21.21 3.56
CA ARG B 247 22.20 -21.63 2.28
C ARG B 247 20.87 -20.96 2.00
N LEU B 248 20.02 -20.86 3.02
CA LEU B 248 18.72 -20.19 2.88
C LEU B 248 18.90 -18.72 2.50
N HIS B 249 19.75 -18.00 3.24
CA HIS B 249 19.95 -16.59 2.98
C HIS B 249 20.50 -16.36 1.57
N ARG B 250 21.43 -17.22 1.15
CA ARG B 250 22.01 -17.14 -0.20
C ARG B 250 20.98 -17.47 -1.27
N PHE B 251 20.16 -18.49 -1.02
CA PHE B 251 19.11 -18.85 -1.97
C PHE B 251 18.13 -17.71 -2.14
N LEU B 252 17.71 -17.08 -1.05
CA LEU B 252 16.70 -16.03 -1.14
C LEU B 252 17.27 -14.67 -1.53
N THR B 253 18.59 -14.50 -1.52
CA THR B 253 19.18 -13.28 -2.04
C THR B 253 19.95 -13.50 -3.34
N ALA B 254 19.96 -14.72 -3.88
CA ALA B 254 20.63 -14.98 -5.14
C ALA B 254 19.97 -14.17 -6.25
N ASP B 255 20.80 -13.57 -7.12
CA ASP B 255 20.34 -12.67 -8.16
C ASP B 255 20.58 -13.23 -9.55
N ASP B 256 20.55 -14.55 -9.70
CA ASP B 256 20.68 -15.14 -11.01
C ASP B 256 19.33 -15.66 -11.49
N PRO B 257 18.99 -15.48 -12.76
CA PRO B 257 17.72 -16.01 -13.26
C PRO B 257 17.64 -17.52 -13.03
N LEU B 258 16.44 -17.97 -12.67
CA LEU B 258 16.19 -19.39 -12.49
C LEU B 258 16.01 -20.07 -13.84
N ARG B 259 16.09 -21.40 -13.82
CA ARG B 259 15.77 -22.18 -15.02
C ARG B 259 14.36 -21.85 -15.51
N ALA B 260 13.40 -21.77 -14.58
CA ALA B 260 12.01 -21.53 -14.96
C ALA B 260 11.85 -20.18 -15.65
N CYS B 261 12.75 -19.24 -15.36
CA CYS B 261 12.70 -17.93 -16.00
C CYS B 261 12.63 -18.05 -17.52
N ARG B 262 13.25 -19.09 -18.10
CA ARG B 262 13.31 -19.13 -19.56
C ARG B 262 11.96 -19.46 -20.18
N ASN B 263 11.01 -19.96 -19.40
CA ASN B 263 9.66 -20.22 -19.87
C ASN B 263 8.62 -19.33 -19.21
N CYS B 264 9.03 -18.28 -18.52
CA CYS B 264 8.13 -17.44 -17.76
C CYS B 264 8.19 -15.99 -18.21
N LEU B 265 7.08 -15.29 -18.01
CA LEU B 265 6.98 -13.88 -18.35
C LEU B 265 7.05 -12.98 -17.12
N GLY B 266 7.27 -13.56 -15.94
CA GLY B 266 7.36 -12.79 -14.71
C GLY B 266 6.22 -11.82 -14.50
N SER B 267 6.54 -10.54 -14.38
CA SER B 267 5.55 -9.50 -14.15
C SER B 267 5.26 -8.67 -15.39
N VAL B 268 5.84 -9.03 -16.54
CA VAL B 268 5.78 -8.19 -17.73
C VAL B 268 5.09 -8.90 -18.90
N GLY B 269 4.25 -9.89 -18.60
CA GLY B 269 3.45 -10.50 -19.65
C GLY B 269 2.41 -9.54 -20.21
N LYS B 270 1.97 -9.84 -21.42
CA LYS B 270 1.01 -8.98 -22.10
C LYS B 270 -0.33 -8.99 -21.37
N LEU B 271 -0.96 -7.82 -21.30
CA LEU B 271 -2.25 -7.68 -20.65
C LEU B 271 -3.35 -8.27 -21.53
N HIS B 272 -4.34 -8.89 -20.91
CA HIS B 272 -5.50 -9.38 -21.63
C HIS B 272 -6.70 -9.35 -20.71
N PRO B 273 -7.91 -9.19 -21.25
CA PRO B 273 -9.10 -9.24 -20.40
C PRO B 273 -9.16 -10.56 -19.65
N HIS B 274 -9.59 -10.49 -18.39
CA HIS B 274 -9.68 -11.71 -17.60
C HIS B 274 -10.82 -12.57 -18.12
N GLN B 275 -10.52 -13.85 -18.32
CA GLN B 275 -11.50 -14.79 -18.84
C GLN B 275 -11.04 -16.20 -18.48
N GLU B 276 -12.01 -17.11 -18.43
CA GLU B 276 -11.73 -18.53 -18.25
C GLU B 276 -11.73 -19.23 -19.61
N LEU B 277 -10.91 -20.25 -19.73
CA LEU B 277 -10.77 -21.02 -20.96
C LEU B 277 -11.13 -22.48 -20.71
N PRO B 278 -11.54 -23.21 -21.75
CA PRO B 278 -11.69 -24.66 -21.61
C PRO B 278 -10.36 -25.31 -21.26
N ARG B 279 -10.45 -26.44 -20.55
CA ARG B 279 -9.25 -27.19 -20.20
C ARG B 279 -8.50 -27.65 -21.44
N ALA B 280 -9.23 -28.02 -22.49
CA ALA B 280 -8.61 -28.42 -23.75
C ALA B 280 -7.98 -27.20 -24.42
N GLY B 281 -6.68 -27.27 -24.68
CA GLY B 281 -5.98 -26.17 -25.30
C GLY B 281 -5.69 -25.00 -24.39
N TRP B 282 -5.85 -25.18 -23.07
CA TRP B 282 -5.53 -24.12 -22.13
C TRP B 282 -4.06 -23.76 -22.16
N GLN B 283 -3.20 -24.75 -22.44
CA GLN B 283 -1.76 -24.56 -22.38
C GLN B 283 -1.30 -23.51 -23.39
N VAL B 284 -0.21 -22.83 -23.06
CA VAL B 284 0.30 -21.72 -23.84
C VAL B 284 1.46 -22.21 -24.68
N THR B 285 1.34 -22.10 -25.99
CA THR B 285 2.39 -22.43 -26.93
C THR B 285 2.97 -21.21 -27.60
N GLU B 286 2.34 -20.04 -27.45
CA GLU B 286 2.74 -18.87 -28.23
C GLU B 286 4.17 -18.52 -27.80
N GLN B 287 4.93 -17.91 -28.73
CA GLN B 287 6.34 -17.68 -28.46
C GLN B 287 6.54 -16.66 -27.35
N LEU B 288 7.47 -16.97 -26.43
CA LEU B 288 7.59 -16.17 -25.21
C LEU B 288 7.84 -14.69 -25.53
N ALA B 289 8.72 -14.41 -26.49
CA ALA B 289 9.00 -13.03 -26.85
C ALA B 289 7.75 -12.31 -27.34
N ALA B 290 6.80 -13.06 -27.92
CA ALA B 290 5.55 -12.48 -28.39
C ALA B 290 4.57 -12.18 -27.27
N LEU B 291 4.83 -12.67 -26.06
CA LEU B 291 3.96 -12.47 -24.90
C LEU B 291 4.48 -11.41 -23.93
N VAL B 292 5.59 -10.76 -24.25
CA VAL B 292 6.15 -9.71 -23.40
C VAL B 292 5.49 -8.38 -23.73
N ASP B 293 5.07 -7.66 -22.69
CA ASP B 293 4.62 -6.26 -22.82
C ASP B 293 5.86 -5.40 -22.68
N TYR B 294 6.51 -5.12 -23.82
CA TYR B 294 7.80 -4.43 -23.78
C TYR B 294 7.72 -3.00 -23.24
N PRO B 295 6.73 -2.17 -23.59
CA PRO B 295 6.63 -0.86 -22.91
C PRO B 295 6.49 -0.99 -21.39
N PHE B 296 5.69 -1.96 -20.93
CA PHE B 296 5.57 -2.17 -19.50
C PHE B 296 6.87 -2.69 -18.92
N LEU B 297 7.60 -3.50 -19.69
CA LEU B 297 8.92 -3.89 -19.22
C LEU B 297 9.85 -2.66 -19.07
N LYS B 298 9.79 -1.67 -19.98
CA LYS B 298 10.59 -0.48 -19.73
C LYS B 298 10.20 0.14 -18.39
N VAL B 299 8.89 0.31 -18.21
CA VAL B 299 8.35 0.97 -17.03
C VAL B 299 8.81 0.28 -15.77
N CYS B 300 8.72 -1.05 -15.75
CA CYS B 300 9.14 -1.81 -14.58
C CYS B 300 10.65 -1.77 -14.39
N LYS B 301 11.41 -1.68 -15.49
CA LYS B 301 12.86 -1.48 -15.36
C LYS B 301 13.15 -0.18 -14.63
N ASP B 302 12.32 0.84 -14.86
CA ASP B 302 12.51 2.09 -14.12
C ASP B 302 12.01 1.96 -12.69
N ASP B 303 10.87 1.30 -12.48
CA ASP B 303 10.26 1.20 -11.15
C ASP B 303 9.59 -0.16 -11.03
N ILE B 304 10.22 -1.07 -10.27
CA ILE B 304 9.71 -2.43 -10.14
C ILE B 304 8.33 -2.49 -9.48
N THR B 305 7.91 -1.44 -8.78
CA THR B 305 6.62 -1.43 -8.10
C THR B 305 5.45 -1.01 -8.99
N ALA B 306 5.69 -0.71 -10.26
CA ALA B 306 4.65 -0.18 -11.14
C ALA B 306 3.41 -1.06 -11.13
N ASP B 307 2.25 -0.43 -10.96
CA ASP B 307 0.99 -1.17 -10.93
C ASP B 307 0.80 -1.91 -12.24
N ASP B 308 0.41 -3.18 -12.14
CA ASP B 308 0.31 -4.04 -13.32
C ASP B 308 -0.95 -3.81 -14.14
N GLY B 309 -1.88 -2.99 -13.67
CA GLY B 309 -3.09 -2.74 -14.43
C GLY B 309 -4.06 -3.89 -14.46
N CYS B 310 -3.88 -4.88 -13.59
CA CYS B 310 -4.75 -6.05 -13.56
C CYS B 310 -5.95 -5.85 -12.65
N VAL B 311 -5.79 -5.13 -11.55
CA VAL B 311 -6.89 -4.88 -10.62
C VAL B 311 -7.64 -3.65 -11.11
N GLU B 312 -8.91 -3.85 -11.47
CA GLU B 312 -9.74 -2.73 -11.89
C GLU B 312 -10.08 -1.85 -10.70
N ARG B 313 -10.47 -2.47 -9.58
CA ARG B 313 -10.77 -1.69 -8.39
C ARG B 313 -10.53 -2.52 -7.15
N SER B 314 -10.33 -1.84 -6.03
CA SER B 314 -9.97 -2.51 -4.79
C SER B 314 -10.72 -1.90 -3.62
N LEU B 315 -11.31 -2.75 -2.79
CA LEU B 315 -11.91 -2.32 -1.53
C LEU B 315 -11.04 -2.85 -0.39
N SER B 316 -10.63 -1.96 0.50
CA SER B 316 -9.79 -2.35 1.62
C SER B 316 -10.45 -1.93 2.92
N ALA B 317 -10.51 -2.86 3.87
CA ALA B 317 -11.03 -2.62 5.21
C ALA B 317 -10.04 -3.21 6.20
N PRO B 318 -8.98 -2.48 6.53
CA PRO B 318 -8.01 -3.00 7.49
C PRO B 318 -8.54 -2.89 8.92
N VAL B 319 -7.89 -3.63 9.81
CA VAL B 319 -8.18 -3.59 11.23
C VAL B 319 -7.21 -2.61 11.88
N GLY B 320 -7.74 -1.70 12.70
CA GLY B 320 -6.89 -0.70 13.30
C GLY B 320 -5.87 -1.33 14.23
N GLY B 321 -4.71 -0.69 14.33
CA GLY B 321 -3.64 -1.20 15.16
C GLY B 321 -2.49 -1.73 14.34
FE1 SF4 C . -12.58 18.05 7.82
FE2 SF4 C . -10.09 19.57 8.18
FE3 SF4 C . -12.02 20.31 6.10
FE4 SF4 C . -10.40 17.82 5.82
S1 SF4 C . -9.93 19.90 6.08
S2 SF4 C . -12.49 18.28 5.70
S3 SF4 C . -10.53 17.49 7.93
S4 SF4 C . -12.15 20.11 8.21
FE1 SF4 D . 4.60 14.69 14.30
FE2 SF4 D . 5.83 16.75 16.01
FE3 SF4 D . 2.93 16.75 15.57
FE4 SF4 D . 4.75 17.42 13.36
S1 SF4 D . 4.46 18.21 15.33
S2 SF4 D . 3.13 16.05 13.57
S3 SF4 D . 6.23 16.05 14.04
S4 SF4 D . 4.31 15.28 16.33
N SAM E . -10.27 18.84 2.80
CA SAM E . -9.47 17.70 2.37
C SAM E . -10.08 16.47 3.03
O SAM E . -9.77 16.07 4.14
OXT SAM E . -10.96 15.82 2.48
CB SAM E . -7.99 17.94 2.69
CG SAM E . -7.10 16.82 3.25
SD SAM E . -7.11 16.63 5.05
CE SAM E . -6.36 18.16 5.67
C5' SAM E . -5.79 15.41 5.29
C4' SAM E . -6.32 14.00 5.46
O4' SAM E . -6.14 13.56 6.79
C3' SAM E . -7.81 13.94 5.17
O3' SAM E . -8.09 12.92 4.25
C2' SAM E . -8.48 13.67 6.50
O2' SAM E . -9.49 12.70 6.33
C1' SAM E . -7.35 13.14 7.37
N9 SAM E . -7.42 13.68 8.74
C8 SAM E . -7.50 15.00 9.11
N7 SAM E . -7.54 15.09 10.45
C5 SAM E . -7.49 13.83 10.96
C6 SAM E . -7.50 13.33 12.26
N6 SAM E . -7.57 14.17 13.31
N1 SAM E . -7.44 11.97 12.47
C2 SAM E . -7.37 11.10 11.40
N3 SAM E . -7.36 11.60 10.11
C4 SAM E . -7.42 12.94 9.89
CL CL F . -11.12 20.67 25.19
CL CL G . -3.77 13.93 8.25
CL CL H . 1.89 24.56 26.20
CL CL I . 19.69 25.17 9.39
C1 GOL J . -5.50 31.94 -8.83
O1 GOL J . -5.41 32.69 -7.65
C2 GOL J . -5.19 32.90 -10.00
O2 GOL J . -6.33 33.32 -10.67
C3 GOL J . -4.24 32.10 -10.92
O3 GOL J . -3.03 32.81 -11.02
C1 GOL K . -12.49 18.02 21.05
O1 GOL K . -12.29 18.92 19.98
C2 GOL K . -11.14 17.25 21.31
O2 GOL K . -11.28 16.30 22.31
C3 GOL K . -10.76 16.62 19.96
O3 GOL K . -9.67 17.30 19.44
C1 GOL L . -1.75 15.24 6.03
O1 GOL L . -1.39 16.49 5.50
C2 GOL L . -1.27 14.13 5.03
O2 GOL L . -1.68 14.36 3.73
C3 GOL L . -1.80 12.78 5.56
O3 GOL L . -1.82 11.91 4.47
C1 GOL M . -25.29 10.51 -9.72
O1 GOL M . -26.20 11.47 -9.32
C2 GOL M . -25.29 10.50 -11.27
O2 GOL M . -24.16 11.09 -11.81
C3 GOL M . -25.44 9.01 -11.66
O3 GOL M . -24.58 8.28 -10.82
C1 GOL N . -3.77 12.27 12.86
O1 GOL N . -2.60 12.90 12.44
C2 GOL N . -3.39 10.79 13.16
O2 GOL N . -3.66 10.43 14.48
C3 GOL N . -4.18 9.94 12.14
O3 GOL N . -3.47 8.74 11.97
S SO4 O . -14.40 30.29 1.19
O1 SO4 O . -14.05 31.55 1.85
O2 SO4 O . -15.49 30.53 0.25
O3 SO4 O . -13.22 29.79 0.47
O4 SO4 O . -14.81 29.30 2.18
S SO4 P . 5.87 35.73 19.56
O1 SO4 P . 4.51 36.22 19.75
O2 SO4 P . 6.80 36.86 19.60
O3 SO4 P . 6.20 34.78 20.61
O4 SO4 P . 5.97 35.07 18.25
FE1 SF4 Q . -8.24 -20.43 -9.65
FE2 SF4 Q . -6.94 -17.93 -8.74
FE3 SF4 Q . -8.27 -18.13 -11.43
FE4 SF4 Q . -5.75 -19.56 -10.93
S1 SF4 Q . -6.33 -17.52 -10.77
S2 SF4 Q . -7.66 -20.16 -11.69
S3 SF4 Q . -6.30 -19.97 -8.91
S4 SF4 Q . -8.91 -18.43 -9.42
FE1 SF4 R . 11.71 -16.31 -12.95
FE2 SF4 R . 9.88 -17.12 -10.80
FE3 SF4 R . 8.83 -16.45 -13.46
FE4 SF4 R . 9.91 -14.35 -11.67
S1 SF4 R . 8.36 -15.80 -11.48
S2 SF4 R . 10.28 -14.90 -13.69
S3 SF4 R . 11.42 -15.65 -10.94
S4 SF4 R . 10.27 -17.85 -12.76
N SAM S . -8.08 -18.48 -5.90
CA SAM S . -7.19 -17.60 -5.15
C SAM S . -7.17 -16.23 -5.79
O SAM S . -6.97 -15.20 -5.14
OXT SAM S . -7.38 -16.12 -6.99
CB SAM S . -5.78 -18.18 -5.07
CG SAM S . -4.60 -17.31 -5.47
SD SAM S . -4.27 -16.99 -7.22
CE SAM S . -3.36 -18.44 -7.81
C5' SAM S . -2.87 -15.85 -7.02
C4' SAM S . -3.27 -14.40 -7.15
O4' SAM S . -2.61 -13.83 -8.26
C3' SAM S . -4.77 -14.27 -7.37
O3' SAM S . -5.32 -13.33 -6.49
C2' SAM S . -4.92 -13.81 -8.80
O2' SAM S . -5.90 -12.80 -8.87
C1' SAM S . -3.54 -13.30 -9.18
N9 SAM S . -3.17 -13.76 -10.53
C8 SAM S . -3.10 -15.06 -10.98
N7 SAM S . -2.71 -15.05 -12.28
C5 SAM S . -2.53 -13.76 -12.66
C6 SAM S . -2.14 -13.17 -13.85
N6 SAM S . -1.87 -13.92 -14.91
N1 SAM S . -2.04 -11.79 -13.94
C2 SAM S . -2.34 -11.01 -12.85
N3 SAM S . -2.72 -11.60 -11.67
C4 SAM S . -2.81 -12.94 -11.56
CL CL T . 7.66 -5.09 -11.90
CL CL U . 18.17 -22.26 -18.76
C1 GOL V . 0.88 -12.97 -5.77
O1 GOL V . 0.55 -12.08 -4.74
C2 GOL V . 1.53 -14.18 -5.07
O2 GOL V . 0.83 -14.57 -3.94
C3 GOL V . 1.61 -15.31 -6.15
O3 GOL V . 1.40 -16.53 -5.47
C1 GOL W . -17.21 -25.19 -7.03
O1 GOL W . -17.24 -26.57 -6.87
C2 GOL W . -18.33 -24.82 -8.03
O2 GOL W . -19.43 -24.27 -7.39
C3 GOL W . -17.68 -23.83 -9.04
O3 GOL W . -17.83 -24.38 -10.30
C1 GOL X . 16.67 -7.41 -25.20
O1 GOL X . 16.64 -8.79 -24.97
C2 GOL X . 15.33 -6.83 -24.66
O2 GOL X . 15.13 -7.12 -23.32
C3 GOL X . 15.42 -5.31 -24.93
O3 GOL X . 14.15 -4.79 -24.72
NA NA Y . -5.30 -0.09 17.92
#